data_4CMR
#
_entry.id   4CMR
#
_cell.length_a   117.639
_cell.length_b   370.794
_cell.length_c   82.135
_cell.angle_alpha   90.00
_cell.angle_beta   90.00
_cell.angle_gamma   90.00
#
_symmetry.space_group_name_H-M   'C 2 2 21'
#
loop_
_entity.id
_entity.type
_entity.pdbx_description
1 polymer 'GLYCOSYL HYDROLASE/DEACETYLASE FAMILY PROTEIN'
2 water water
#
_entity_poly.entity_id   1
_entity_poly.type   'polypeptide(L)'
_entity_poly.pdbx_seq_one_letter_code
;(MSE)Y(MSE)KFTYHFHAYQPGDIIYVHDGSGWDPIKYSERLSPVALEIREEEVKGRNWTRA(MSE)IKAYEYVDETLR
(MSE)LDEGAVSVDFEPFTLY(MSE)VLKYKPKIYGEIVETLETHVEPTVTVPFHPI(MSE)PHLSHFEQEILSKVSFDF
YLPFIARKPIVSFWLPENVITKDTAKIVTSATDKDVVFLLDERQFIGVNIPQARFSCNKYLCDGKSAFVFGRIHYISDAF
AFNTLDVEGLTRAVAEGCVDVFKEKEGIEYLVFLSSDLESLVANPKQLDRFLGWIDGLKKRGIEIINVAEFIRKKVSNEY
KSLPGECSESFRINVKDYSSWSDYFDLSVDGRTSD(MSE)RWTGIRREDNVVIHRWYKERKVSQLWKFAF(MSE)KLFRE
LNRAVRFGVID(MSE)LRTQGVSDIEKIKEFLVRYSRVFFREHYEYFELDTSVDYV(MSE)EPIHEADPSLALKLGRIYY
L(MSE)LLANHSCPRFWENIDTRVTFGNVATISKALIEL(MSE)ELY(MSE)EENEERANYIFLEY(MSE)KLLAFPQLY
YDYDLFR(MSE)KGLEGWETTEKAWFESLRSEVPNSKYNVVTRAALYVGKRDLPPD(MSE)RSVIDTLYDLEEAVPDTGH
IPGE(MSE)HGKWENKEWCEHKGKD
;
_entity_poly.pdbx_strand_id   A,B
#
# COMPACT_ATOMS: atom_id res chain seq x y z
N TYR A 2 22.88 5.61 12.02
CA TYR A 2 22.18 4.57 12.76
C TYR A 2 21.60 3.54 11.81
N LYS A 4 21.53 0.56 9.41
CA LYS A 4 22.33 -0.65 9.20
C LYS A 4 21.91 -1.23 7.85
N PHE A 5 22.77 -2.04 7.25
CA PHE A 5 22.46 -2.57 5.92
C PHE A 5 22.81 -4.06 5.89
N THR A 6 22.06 -4.82 5.12
CA THR A 6 22.50 -6.18 4.83
C THR A 6 21.97 -6.67 3.50
N TYR A 7 22.56 -7.76 3.02
CA TYR A 7 22.12 -8.37 1.76
C TYR A 7 21.87 -9.83 2.03
N HIS A 8 20.86 -10.39 1.39
CA HIS A 8 20.66 -11.83 1.45
C HIS A 8 20.80 -12.40 0.04
N PHE A 9 21.56 -13.49 -0.09
CA PHE A 9 21.66 -14.17 -1.38
C PHE A 9 21.09 -15.58 -1.33
N HIS A 10 20.31 -15.92 -2.35
CA HIS A 10 19.66 -17.23 -2.46
C HIS A 10 20.27 -17.97 -3.61
N ALA A 11 20.85 -19.15 -3.34
CA ALA A 11 21.51 -19.95 -4.37
C ALA A 11 20.70 -21.19 -4.67
N TYR A 12 20.50 -21.47 -5.96
CA TYR A 12 19.75 -22.63 -6.40
C TYR A 12 20.02 -22.93 -7.85
N GLN A 13 20.24 -24.21 -8.13
CA GLN A 13 20.26 -24.74 -9.50
C GLN A 13 19.30 -25.91 -9.60
N PRO A 14 18.42 -25.89 -10.62
CA PRO A 14 17.52 -27.03 -10.82
C PRO A 14 18.27 -28.30 -11.22
N GLY A 15 19.49 -28.15 -11.76
CA GLY A 15 20.22 -29.31 -12.18
C GLY A 15 20.04 -29.59 -13.65
N ASP A 16 20.76 -30.56 -14.17
CA ASP A 16 20.67 -30.89 -15.58
C ASP A 16 20.32 -32.35 -15.79
N ILE A 17 19.49 -32.90 -14.89
CA ILE A 17 19.15 -34.31 -15.00
C ILE A 17 18.18 -34.53 -16.17
N ILE A 18 18.54 -35.41 -17.11
CA ILE A 18 17.65 -35.76 -18.22
C ILE A 18 17.06 -37.16 -18.15
N TYR A 19 17.73 -38.07 -17.43
CA TYR A 19 17.20 -39.40 -17.22
C TYR A 19 17.76 -39.98 -15.92
N VAL A 20 16.89 -40.23 -14.95
CA VAL A 20 17.35 -40.89 -13.71
C VAL A 20 17.58 -42.39 -13.98
N HIS A 21 18.72 -42.92 -13.53
CA HIS A 21 19.01 -44.34 -13.77
C HIS A 21 18.18 -45.19 -12.80
N ASP A 22 17.87 -46.40 -13.20
CA ASP A 22 17.20 -47.36 -12.30
C ASP A 22 18.06 -47.52 -11.04
N GLY A 23 17.40 -47.74 -9.89
CA GLY A 23 18.14 -47.96 -8.66
C GLY A 23 17.18 -48.50 -7.61
N SER A 24 17.74 -49.10 -6.55
CA SER A 24 16.93 -49.80 -5.57
C SER A 24 16.28 -48.87 -4.56
N GLY A 25 16.83 -47.67 -4.42
CA GLY A 25 16.38 -46.76 -3.39
C GLY A 25 17.22 -46.82 -2.11
N TRP A 26 18.18 -47.73 -2.06
CA TRP A 26 19.02 -47.79 -0.86
C TRP A 26 20.11 -46.73 -0.86
N ASP A 27 20.31 -46.08 -1.99
CA ASP A 27 21.39 -45.09 -2.16
C ASP A 27 20.86 -43.80 -2.83
N PRO A 28 21.65 -42.71 -2.77
CA PRO A 28 21.27 -41.52 -3.54
C PRO A 28 21.08 -41.86 -5.03
N ILE A 29 20.27 -41.06 -5.72
CA ILE A 29 19.99 -41.36 -7.11
C ILE A 29 21.20 -41.11 -7.99
N LYS A 30 21.25 -41.81 -9.11
CA LYS A 30 22.27 -41.56 -10.12
C LYS A 30 21.51 -41.28 -11.38
N TYR A 31 22.15 -40.58 -12.31
CA TYR A 31 21.43 -40.07 -13.48
C TYR A 31 22.35 -39.65 -14.59
N SER A 32 21.77 -39.53 -15.78
CA SER A 32 22.44 -38.95 -16.92
C SER A 32 22.10 -37.47 -16.99
N GLU A 33 23.09 -36.67 -17.39
CA GLU A 33 22.91 -35.23 -17.48
C GLU A 33 22.96 -34.74 -18.91
N ARG A 34 22.35 -33.59 -19.13
CA ARG A 34 22.38 -32.92 -20.43
C ARG A 34 23.83 -32.60 -20.79
N LEU A 35 24.17 -32.69 -22.07
CA LEU A 35 25.48 -32.26 -22.55
C LEU A 35 25.21 -31.06 -23.46
N SER A 36 25.45 -29.89 -22.92
CA SER A 36 25.17 -28.61 -23.58
C SER A 36 26.22 -27.62 -23.13
N PRO A 37 27.39 -27.68 -23.76
CA PRO A 37 28.49 -26.86 -23.29
C PRO A 37 28.15 -25.38 -23.23
N VAL A 38 28.58 -24.72 -22.15
CA VAL A 38 28.30 -23.33 -21.93
C VAL A 38 29.37 -22.76 -21.01
N ALA A 39 29.64 -21.47 -21.13
CA ALA A 39 30.67 -20.81 -20.33
C ALA A 39 30.11 -19.52 -19.73
N LEU A 40 30.65 -19.14 -18.57
CA LEU A 40 30.30 -17.90 -17.89
C LEU A 40 31.56 -17.04 -17.78
N GLU A 41 31.43 -15.75 -18.01
CA GLU A 41 32.58 -14.83 -17.92
C GLU A 41 32.59 -14.18 -16.53
N ILE A 42 33.69 -14.35 -15.80
CA ILE A 42 33.82 -13.75 -14.49
C ILE A 42 35.12 -12.95 -14.46
N ARG A 43 34.98 -11.64 -14.32
CA ARG A 43 36.11 -10.73 -14.57
C ARG A 43 36.71 -11.06 -15.93
N GLU A 44 37.99 -11.40 -15.96
CA GLU A 44 38.67 -11.71 -17.21
C GLU A 44 38.75 -13.20 -17.49
N GLU A 45 38.12 -14.02 -16.66
CA GLU A 45 38.25 -15.46 -16.81
C GLU A 45 36.98 -16.08 -17.39
N GLU A 46 37.16 -17.17 -18.13
CA GLU A 46 36.03 -17.93 -18.64
C GLU A 46 35.90 -19.16 -17.76
N VAL A 47 34.68 -19.48 -17.37
CA VAL A 47 34.45 -20.64 -16.56
C VAL A 47 33.58 -21.53 -17.41
N LYS A 48 34.05 -22.75 -17.74
CA LYS A 48 33.35 -23.58 -18.73
C LYS A 48 32.74 -24.79 -18.09
N GLY A 49 31.54 -25.19 -18.53
CA GLY A 49 30.98 -26.42 -18.03
C GLY A 49 30.37 -27.27 -19.14
N ARG A 50 30.19 -28.55 -18.89
CA ARG A 50 29.52 -29.43 -19.87
C ARG A 50 28.02 -29.12 -19.94
N ASN A 51 27.50 -28.42 -18.93
CA ASN A 51 26.12 -27.94 -18.93
C ASN A 51 26.03 -26.73 -17.97
N TRP A 52 24.85 -26.11 -17.88
CA TRP A 52 24.73 -24.89 -17.10
C TRP A 52 25.05 -25.16 -15.62
N THR A 53 24.53 -26.26 -15.11
CA THR A 53 24.74 -26.59 -13.69
C THR A 53 26.23 -26.66 -13.36
N ARG A 54 26.97 -27.34 -14.20
CA ARG A 54 28.40 -27.57 -13.93
C ARG A 54 29.20 -26.30 -14.10
N ALA A 55 28.81 -25.47 -15.07
CA ALA A 55 29.44 -24.16 -15.19
C ALA A 55 29.19 -23.33 -13.93
N ILE A 57 28.42 -24.37 -10.88
CA ILE A 57 29.08 -24.90 -9.68
C ILE A 57 30.51 -24.38 -9.63
N LYS A 58 31.19 -24.35 -10.77
CA LYS A 58 32.53 -23.76 -10.79
C LYS A 58 32.49 -22.28 -10.42
N ALA A 59 31.47 -21.58 -10.90
CA ALA A 59 31.30 -20.16 -10.60
C ALA A 59 31.11 -19.89 -9.11
N TYR A 60 30.48 -20.84 -8.42
CA TYR A 60 30.23 -20.66 -7.00
C TYR A 60 31.54 -20.45 -6.23
N GLU A 61 32.64 -20.98 -6.75
CA GLU A 61 33.91 -20.83 -6.05
C GLU A 61 34.34 -19.37 -6.09
N TYR A 62 34.13 -18.71 -7.23
CA TYR A 62 34.46 -17.29 -7.34
C TYR A 62 33.58 -16.47 -6.42
N VAL A 63 32.30 -16.84 -6.33
CA VAL A 63 31.39 -16.17 -5.45
C VAL A 63 31.83 -16.33 -3.99
N ASP A 64 32.23 -17.54 -3.61
CA ASP A 64 32.66 -17.76 -2.22
C ASP A 64 33.90 -16.92 -1.87
N GLU A 65 34.84 -16.84 -2.81
CA GLU A 65 36.06 -16.07 -2.58
C GLU A 65 35.72 -14.60 -2.33
N THR A 66 34.72 -14.10 -3.05
CA THR A 66 34.22 -12.74 -2.87
C THR A 66 33.49 -12.55 -1.54
N LEU A 67 32.63 -13.50 -1.16
CA LEU A 67 31.97 -13.40 0.13
C LEU A 67 33.00 -13.38 1.26
N ARG A 68 34.11 -14.09 1.07
CA ARG A 68 35.15 -14.17 2.10
C ARG A 68 35.86 -12.81 2.26
N LEU A 70 34.20 -10.00 2.35
CA LEU A 70 33.32 -9.20 3.19
C LEU A 70 33.73 -9.43 4.63
N ASP A 71 33.30 -8.53 5.51
CA ASP A 71 33.49 -8.75 6.92
C ASP A 71 32.59 -9.89 7.42
N GLU A 72 32.99 -10.49 8.53
CA GLU A 72 32.21 -11.54 9.15
C GLU A 72 30.82 -11.03 9.55
N GLY A 73 29.79 -11.83 9.27
CA GLY A 73 28.44 -11.53 9.69
C GLY A 73 27.72 -10.45 8.87
N ALA A 74 28.29 -10.08 7.74
CA ALA A 74 27.75 -8.98 6.96
C ALA A 74 26.47 -9.35 6.22
N VAL A 75 26.46 -10.54 5.62
CA VAL A 75 25.35 -10.94 4.76
C VAL A 75 24.85 -12.32 5.17
N SER A 76 23.70 -12.73 4.62
CA SER A 76 23.17 -14.05 4.85
C SER A 76 23.04 -14.77 3.51
N VAL A 77 23.08 -16.10 3.54
CA VAL A 77 23.00 -16.90 2.33
C VAL A 77 22.21 -18.17 2.59
N ASP A 78 21.29 -18.52 1.69
CA ASP A 78 20.72 -19.88 1.68
C ASP A 78 21.18 -20.60 0.42
N PHE A 79 21.47 -21.89 0.55
CA PHE A 79 21.74 -22.77 -0.57
C PHE A 79 20.63 -23.82 -0.58
N GLU A 80 19.93 -23.92 -1.70
CA GLU A 80 18.92 -24.98 -1.80
C GLU A 80 19.65 -26.33 -1.62
N PRO A 81 19.07 -27.25 -0.83
CA PRO A 81 19.75 -28.52 -0.48
C PRO A 81 20.31 -29.35 -1.64
N PHE A 82 19.53 -29.62 -2.69
CA PHE A 82 20.04 -30.47 -3.77
C PHE A 82 21.13 -29.75 -4.55
N THR A 83 21.03 -28.41 -4.62
CA THR A 83 22.10 -27.60 -5.24
C THR A 83 23.41 -27.82 -4.49
N LEU A 84 23.37 -27.72 -3.17
CA LEU A 84 24.57 -27.92 -2.37
C LEU A 84 25.07 -29.35 -2.53
N TYR A 85 24.13 -30.30 -2.62
CA TYR A 85 24.48 -31.69 -2.83
C TYR A 85 25.18 -31.91 -4.18
N VAL A 87 26.95 -29.72 -5.71
CA VAL A 87 28.31 -29.15 -5.55
C VAL A 87 29.20 -30.20 -4.89
N LEU A 88 28.70 -30.78 -3.81
CA LEU A 88 29.44 -31.82 -3.09
C LEU A 88 29.89 -32.97 -3.99
N LYS A 89 28.98 -33.50 -4.82
CA LYS A 89 29.31 -34.60 -5.70
C LYS A 89 30.30 -34.26 -6.82
N TYR A 90 30.15 -33.08 -7.40
CA TYR A 90 30.95 -32.68 -8.57
C TYR A 90 32.27 -32.05 -8.16
N LYS A 91 32.23 -31.12 -7.20
CA LYS A 91 33.42 -30.40 -6.78
C LYS A 91 33.48 -30.31 -5.26
N PRO A 92 33.86 -31.40 -4.60
CA PRO A 92 33.83 -31.39 -3.14
C PRO A 92 34.71 -30.28 -2.52
N LYS A 93 35.78 -29.86 -3.21
CA LYS A 93 36.60 -28.77 -2.67
C LYS A 93 35.78 -27.48 -2.60
N ILE A 94 34.96 -27.22 -3.62
CA ILE A 94 34.09 -26.04 -3.62
C ILE A 94 33.02 -26.15 -2.52
N TYR A 95 32.45 -27.34 -2.34
CA TYR A 95 31.48 -27.54 -1.26
C TYR A 95 32.14 -27.22 0.09
N GLY A 96 33.36 -27.73 0.28
CA GLY A 96 34.11 -27.46 1.50
C GLY A 96 34.27 -25.99 1.78
N GLU A 97 34.63 -25.21 0.76
CA GLU A 97 34.80 -23.78 0.92
C GLU A 97 33.47 -23.10 1.28
N ILE A 98 32.40 -23.49 0.60
CA ILE A 98 31.10 -22.91 0.87
C ILE A 98 30.61 -23.24 2.28
N VAL A 99 30.74 -24.51 2.69
CA VAL A 99 30.23 -24.86 4.01
C VAL A 99 31.06 -24.22 5.13
N GLU A 100 32.36 -24.01 4.89
CA GLU A 100 33.17 -23.27 5.87
C GLU A 100 32.67 -21.85 6.02
N THR A 101 32.33 -21.24 4.89
CA THR A 101 31.78 -19.90 4.90
C THR A 101 30.43 -19.83 5.61
N LEU A 102 29.58 -20.83 5.38
CA LEU A 102 28.25 -20.91 6.04
C LEU A 102 28.39 -21.15 7.55
N GLU A 103 29.45 -21.85 7.94
CA GLU A 103 29.66 -22.15 9.35
C GLU A 103 30.10 -20.93 10.13
N THR A 104 30.93 -20.09 9.51
CA THR A 104 31.62 -19.05 10.27
C THR A 104 31.49 -17.60 9.79
N HIS A 105 31.25 -17.41 8.50
CA HIS A 105 31.48 -16.10 7.91
C HIS A 105 30.22 -15.36 7.46
N VAL A 106 29.24 -16.10 6.96
CA VAL A 106 27.96 -15.49 6.60
C VAL A 106 26.89 -16.20 7.41
N GLU A 107 25.76 -15.54 7.61
CA GLU A 107 24.67 -16.18 8.35
C GLU A 107 23.99 -17.21 7.44
N PRO A 108 23.92 -18.48 7.88
CA PRO A 108 23.24 -19.48 7.04
C PRO A 108 21.72 -19.40 7.21
N THR A 109 21.04 -19.45 6.07
CA THR A 109 19.60 -19.34 6.00
C THR A 109 19.03 -20.68 5.53
N VAL A 110 17.99 -21.17 6.21
CA VAL A 110 17.38 -22.46 5.89
C VAL A 110 16.50 -22.26 4.66
N THR A 111 16.48 -23.22 3.75
CA THR A 111 15.50 -23.19 2.67
C THR A 111 15.06 -24.59 2.30
N VAL A 112 14.05 -24.67 1.45
CA VAL A 112 13.35 -25.91 1.14
C VAL A 112 14.04 -26.73 0.05
N PRO A 113 14.19 -28.05 0.25
CA PRO A 113 14.68 -28.87 -0.87
C PRO A 113 13.77 -28.79 -2.10
N PHE A 114 14.41 -28.66 -3.25
CA PHE A 114 13.80 -28.76 -4.58
C PHE A 114 13.03 -27.52 -5.02
N HIS A 115 13.06 -26.47 -4.22
CA HIS A 115 12.52 -25.16 -4.62
C HIS A 115 11.14 -25.19 -5.28
N PRO A 116 10.15 -25.82 -4.62
CA PRO A 116 8.77 -25.72 -5.12
C PRO A 116 8.11 -24.41 -4.67
N ILE A 117 7.02 -24.01 -5.34
CA ILE A 117 6.22 -22.95 -4.73
C ILE A 117 5.45 -23.62 -3.59
N PRO A 119 3.08 -22.84 -1.31
CA PRO A 119 1.61 -22.80 -1.28
C PRO A 119 0.94 -23.44 -2.50
N HIS A 120 1.74 -23.90 -3.46
CA HIS A 120 1.17 -24.72 -4.54
C HIS A 120 1.38 -26.23 -4.32
N LEU A 121 1.72 -26.64 -3.10
CA LEU A 121 1.79 -28.06 -2.79
C LEU A 121 0.74 -28.37 -1.74
N SER A 122 0.35 -29.65 -1.63
CA SER A 122 -0.51 -30.06 -0.52
C SER A 122 0.22 -29.92 0.81
N HIS A 123 -0.56 -29.79 1.88
CA HIS A 123 0.03 -29.66 3.22
C HIS A 123 0.98 -30.81 3.56
N PHE A 124 0.64 -32.02 3.13
CA PHE A 124 1.44 -33.21 3.45
C PHE A 124 2.87 -33.04 2.88
N GLU A 125 2.96 -32.73 1.59
CA GLU A 125 4.29 -32.50 0.97
C GLU A 125 5.01 -31.34 1.66
N GLN A 126 4.29 -30.25 1.93
CA GLN A 126 4.91 -29.10 2.59
C GLN A 126 5.48 -29.46 3.95
N GLU A 127 4.74 -30.30 4.67
CA GLU A 127 5.19 -30.76 6.00
C GLU A 127 6.49 -31.57 5.92
N ILE A 128 6.55 -32.50 4.97
CA ILE A 128 7.77 -33.31 4.81
C ILE A 128 8.92 -32.39 4.43
N LEU A 129 8.69 -31.52 3.45
CA LEU A 129 9.77 -30.63 3.01
C LEU A 129 10.25 -29.69 4.11
N SER A 130 9.33 -29.18 4.93
CA SER A 130 9.69 -28.25 6.01
C SER A 130 10.58 -28.95 7.02
N LYS A 131 10.20 -30.16 7.42
CA LYS A 131 11.00 -30.92 8.37
C LYS A 131 12.38 -31.29 7.82
N VAL A 132 12.43 -31.70 6.56
CA VAL A 132 13.71 -31.97 5.91
C VAL A 132 14.62 -30.73 5.83
N SER A 133 14.03 -29.56 5.60
CA SER A 133 14.80 -28.31 5.49
C SER A 133 15.63 -28.10 6.75
N PHE A 134 14.96 -28.22 7.90
CA PHE A 134 15.66 -28.02 9.17
C PHE A 134 16.66 -29.12 9.51
N ASP A 135 16.37 -30.35 9.08
CA ASP A 135 17.32 -31.47 9.26
C ASP A 135 18.57 -31.28 8.43
N PHE A 136 18.36 -30.96 7.15
CA PHE A 136 19.48 -30.79 6.24
C PHE A 136 20.40 -29.67 6.74
N TYR A 137 19.82 -28.64 7.35
CA TYR A 137 20.58 -27.49 7.82
C TYR A 137 21.15 -27.65 9.24
N LEU A 138 20.88 -28.79 9.86
CA LEU A 138 21.37 -29.05 11.23
C LEU A 138 22.84 -28.68 11.46
N PRO A 139 23.75 -29.06 10.53
CA PRO A 139 25.16 -28.68 10.75
C PRO A 139 25.41 -27.17 10.86
N PHE A 140 24.51 -26.35 10.32
CA PHE A 140 24.74 -24.91 10.29
C PHE A 140 23.92 -24.16 11.33
N ILE A 141 22.87 -24.80 11.85
CA ILE A 141 21.94 -24.08 12.73
C ILE A 141 21.71 -24.72 14.10
N ALA A 142 22.41 -25.81 14.40
CA ALA A 142 22.09 -26.60 15.61
C ALA A 142 22.05 -25.78 16.91
N ARG A 143 22.96 -24.83 17.06
CA ARG A 143 23.06 -24.04 18.31
C ARG A 143 22.29 -22.70 18.27
N LYS A 144 21.65 -22.40 17.14
CA LYS A 144 21.00 -21.11 16.95
C LYS A 144 19.57 -21.08 17.49
N PRO A 145 19.24 -20.06 18.32
CA PRO A 145 17.86 -19.95 18.81
C PRO A 145 16.92 -19.25 17.82
N ILE A 146 17.49 -18.48 16.89
CA ILE A 146 16.74 -17.77 15.85
C ILE A 146 17.38 -18.08 14.50
N VAL A 147 16.58 -18.46 13.52
CA VAL A 147 17.13 -18.78 12.21
C VAL A 147 16.30 -18.09 11.12
N SER A 148 16.95 -17.63 10.04
CA SER A 148 16.19 -17.06 8.93
C SER A 148 15.82 -18.19 7.98
N PHE A 149 14.78 -17.96 7.17
CA PHE A 149 14.22 -19.01 6.34
C PHE A 149 13.79 -18.39 5.01
N TRP A 150 14.11 -19.10 3.93
CA TRP A 150 13.85 -18.62 2.58
C TRP A 150 12.81 -19.50 1.92
N LEU A 151 11.59 -18.98 1.79
CA LEU A 151 10.58 -19.68 1.00
C LEU A 151 10.89 -19.41 -0.46
N PRO A 152 10.82 -20.45 -1.31
CA PRO A 152 11.08 -20.25 -2.74
C PRO A 152 10.20 -19.17 -3.37
N GLU A 153 10.85 -18.24 -4.08
CA GLU A 153 10.22 -17.05 -4.68
C GLU A 153 9.49 -16.20 -3.64
N ASN A 154 9.81 -16.44 -2.38
CA ASN A 154 9.17 -15.82 -1.21
C ASN A 154 7.64 -15.96 -1.25
N VAL A 155 7.14 -16.99 -1.95
CA VAL A 155 5.69 -17.20 -2.00
C VAL A 155 5.21 -17.80 -0.68
N ILE A 156 4.32 -17.07 -0.02
CA ILE A 156 3.95 -17.39 1.34
C ILE A 156 2.44 -17.27 1.51
N THR A 157 1.90 -18.10 2.40
CA THR A 157 0.53 -17.91 2.90
C THR A 157 0.61 -18.14 4.38
N LYS A 158 -0.41 -17.72 5.10
CA LYS A 158 -0.40 -17.95 6.54
C LYS A 158 -0.33 -19.44 6.84
N ASP A 159 -1.06 -20.25 6.08
CA ASP A 159 -1.01 -21.69 6.29
C ASP A 159 0.39 -22.28 6.10
N THR A 160 1.07 -21.83 5.06
CA THR A 160 2.42 -22.31 4.78
C THR A 160 3.38 -21.85 5.88
N ALA A 161 3.23 -20.60 6.32
CA ALA A 161 4.06 -20.09 7.40
C ALA A 161 3.87 -20.91 8.68
N LYS A 162 2.65 -21.34 8.92
CA LYS A 162 2.36 -22.18 10.08
C LYS A 162 3.06 -23.54 9.99
N ILE A 163 3.03 -24.14 8.80
CA ILE A 163 3.71 -25.42 8.59
C ILE A 163 5.22 -25.28 8.86
N VAL A 164 5.82 -24.23 8.32
CA VAL A 164 7.26 -23.99 8.48
C VAL A 164 7.61 -23.76 9.94
N THR A 165 6.90 -22.86 10.60
CA THR A 165 7.23 -22.51 11.98
C THR A 165 6.95 -23.67 12.94
N SER A 166 5.99 -24.53 12.57
CA SER A 166 5.68 -25.70 13.39
C SER A 166 6.76 -26.77 13.31
N ALA A 167 7.61 -26.69 12.28
CA ALA A 167 8.59 -27.73 12.01
C ALA A 167 9.89 -27.55 12.79
N THR A 168 10.01 -26.44 13.51
CA THR A 168 11.20 -26.17 14.32
C THR A 168 10.81 -25.56 15.67
N ASP A 169 11.66 -25.72 16.67
CA ASP A 169 11.44 -25.06 17.98
C ASP A 169 12.08 -23.68 17.99
N LYS A 170 12.87 -23.36 16.97
CA LYS A 170 13.54 -22.07 16.88
C LYS A 170 12.56 -20.95 16.50
N ASP A 171 12.92 -19.70 16.80
CA ASP A 171 12.20 -18.56 16.25
C ASP A 171 12.63 -18.44 14.81
N VAL A 172 11.68 -18.17 13.92
CA VAL A 172 11.99 -18.06 12.49
C VAL A 172 11.94 -16.61 12.05
N VAL A 173 12.85 -16.22 11.16
CA VAL A 173 12.76 -14.94 10.49
C VAL A 173 12.43 -15.20 9.04
N PHE A 174 11.27 -14.74 8.55
CA PHE A 174 10.99 -14.92 7.11
C PHE A 174 11.57 -13.77 6.31
N LEU A 175 12.34 -14.09 5.27
CA LEU A 175 12.91 -13.09 4.38
C LEU A 175 11.97 -12.97 3.20
N LEU A 176 11.43 -11.76 3.00
CA LEU A 176 10.35 -11.53 2.05
C LEU A 176 10.65 -10.26 1.25
N ASP A 177 9.65 -9.75 0.53
CA ASP A 177 9.75 -8.54 -0.28
C ASP A 177 8.73 -7.53 0.28
N GLU A 178 9.09 -6.26 0.41
CA GLU A 178 8.19 -5.29 1.05
C GLU A 178 6.86 -5.11 0.31
N ARG A 179 6.82 -5.47 -0.97
CA ARG A 179 5.55 -5.43 -1.72
C ARG A 179 4.57 -6.51 -1.26
N GLN A 180 4.99 -7.33 -0.29
CA GLN A 180 4.14 -8.38 0.25
C GLN A 180 3.38 -7.91 1.49
N PHE A 181 3.77 -6.77 2.03
CA PHE A 181 3.18 -6.30 3.29
C PHE A 181 1.80 -5.69 3.05
N ILE A 182 0.88 -5.94 3.98
CA ILE A 182 -0.48 -5.36 3.93
C ILE A 182 -0.91 -4.90 5.31
N GLY A 183 -1.94 -4.06 5.37
CA GLY A 183 -2.45 -3.58 6.65
C GLY A 183 -1.56 -2.50 7.24
N VAL A 184 -0.52 -2.15 6.50
CA VAL A 184 0.41 -1.08 6.82
C VAL A 184 0.92 -0.63 5.46
N ASN A 185 1.26 0.65 5.32
CA ASN A 185 1.90 1.06 4.06
C ASN A 185 3.40 0.81 4.12
N ILE A 186 4.07 0.92 2.97
CA ILE A 186 5.49 0.61 2.89
C ILE A 186 6.41 1.52 3.76
N PRO A 187 6.33 2.85 3.60
CA PRO A 187 7.13 3.73 4.49
C PRO A 187 6.82 3.57 5.99
N GLN A 188 5.57 3.23 6.32
CA GLN A 188 5.15 3.08 7.71
C GLN A 188 5.85 1.90 8.39
N ALA A 189 6.07 0.83 7.65
CA ALA A 189 6.65 -0.38 8.22
C ALA A 189 8.17 -0.45 8.05
N ARG A 190 8.70 0.38 7.15
CA ARG A 190 10.07 0.21 6.64
C ARG A 190 11.19 0.16 7.67
N PHE A 191 12.01 -0.87 7.53
CA PHE A 191 13.31 -1.01 8.19
C PHE A 191 13.24 -1.31 9.70
N SER A 192 12.03 -1.38 10.23
CA SER A 192 11.85 -1.74 11.65
C SER A 192 11.87 -3.25 11.85
N CYS A 193 12.02 -3.66 13.10
CA CYS A 193 11.95 -5.07 13.47
C CYS A 193 10.49 -5.46 13.68
N ASN A 194 9.86 -6.00 12.64
CA ASN A 194 8.45 -6.38 12.68
C ASN A 194 8.24 -7.87 12.88
N LYS A 195 7.07 -8.25 13.35
CA LYS A 195 6.72 -9.66 13.47
C LYS A 195 5.47 -10.00 12.69
N TYR A 196 5.17 -11.30 12.61
CA TYR A 196 4.12 -11.81 11.75
C TYR A 196 3.50 -13.01 12.45
N LEU A 197 2.19 -12.99 12.62
CA LEU A 197 1.49 -14.09 13.29
C LEU A 197 1.20 -15.23 12.31
N CYS A 198 1.67 -16.42 12.65
CA CYS A 198 1.45 -17.59 11.82
C CYS A 198 0.94 -18.36 13.03
N ASP A 199 -0.26 -18.02 13.49
CA ASP A 199 -1.23 -18.81 14.23
C ASP A 199 -0.25 -19.12 15.35
N GLY A 200 -0.22 -20.37 15.80
CA GLY A 200 0.29 -20.81 17.08
C GLY A 200 1.46 -19.98 17.54
N LYS A 201 2.37 -19.68 16.62
CA LYS A 201 3.54 -18.87 16.94
C LYS A 201 3.65 -17.70 15.98
N SER A 202 4.59 -16.80 16.26
CA SER A 202 4.85 -15.66 15.40
C SER A 202 6.28 -15.76 14.90
N ALA A 203 6.57 -15.06 13.83
CA ALA A 203 7.89 -15.07 13.23
C ALA A 203 8.31 -13.63 13.07
N PHE A 204 9.61 -13.38 12.96
CA PHE A 204 10.05 -12.06 12.52
C PHE A 204 9.92 -12.03 11.00
N VAL A 205 9.80 -10.84 10.44
CA VAL A 205 9.77 -10.70 8.98
C VAL A 205 10.58 -9.48 8.56
N PHE A 206 11.27 -9.59 7.44
CA PHE A 206 11.92 -8.43 6.83
C PHE A 206 11.61 -8.46 5.36
N GLY A 207 11.37 -7.29 4.78
CA GLY A 207 10.99 -7.19 3.38
C GLY A 207 12.01 -6.41 2.59
N ARG A 208 12.53 -7.03 1.53
CA ARG A 208 13.53 -6.39 0.69
C ARG A 208 12.92 -5.27 -0.15
N ILE A 209 13.77 -4.34 -0.58
CA ILE A 209 13.38 -3.35 -1.56
C ILE A 209 13.76 -3.85 -2.94
N HIS A 210 12.78 -4.23 -3.75
CA HIS A 210 13.12 -4.86 -5.02
C HIS A 210 13.84 -3.92 -6.00
N TYR A 211 13.45 -2.65 -6.07
CA TYR A 211 14.04 -1.81 -7.11
C TYR A 211 15.54 -1.57 -6.92
N ILE A 212 15.99 -1.51 -5.67
CA ILE A 212 17.42 -1.35 -5.41
C ILE A 212 18.13 -2.70 -5.62
N SER A 213 17.52 -3.78 -5.14
CA SER A 213 18.09 -5.11 -5.29
C SER A 213 18.30 -5.43 -6.77
N ASP A 214 17.28 -5.16 -7.58
CA ASP A 214 17.37 -5.42 -9.00
C ASP A 214 18.33 -4.47 -9.71
N ALA A 215 18.45 -3.23 -9.22
CA ALA A 215 19.43 -2.30 -9.81
C ALA A 215 20.84 -2.90 -9.67
N PHE A 216 21.10 -3.59 -8.56
CA PHE A 216 22.37 -4.29 -8.49
C PHE A 216 22.38 -5.52 -9.40
N ALA A 217 21.42 -6.42 -9.18
CA ALA A 217 21.41 -7.72 -9.84
C ALA A 217 21.42 -7.65 -11.36
N PHE A 218 20.73 -6.66 -11.93
CA PHE A 218 20.65 -6.52 -13.38
C PHE A 218 21.49 -5.37 -13.94
N ASN A 219 22.34 -4.81 -13.08
CA ASN A 219 23.33 -3.80 -13.50
C ASN A 219 22.69 -2.60 -14.18
N THR A 220 21.70 -2.00 -13.52
CA THR A 220 21.05 -0.80 -14.06
C THR A 220 21.44 0.49 -13.35
N LEU A 221 22.17 0.37 -12.23
CA LEU A 221 22.79 1.50 -11.57
C LEU A 221 24.25 1.19 -11.30
N ASP A 222 25.12 2.19 -11.48
CA ASP A 222 26.53 2.01 -11.10
C ASP A 222 26.70 2.05 -9.59
N VAL A 223 27.93 1.80 -9.13
CA VAL A 223 28.19 1.68 -7.71
C VAL A 223 27.82 2.96 -6.97
N GLU A 224 28.08 4.10 -7.57
CA GLU A 224 27.73 5.35 -6.89
C GLU A 224 26.21 5.51 -6.76
N GLY A 225 25.48 5.11 -7.79
CA GLY A 225 24.03 5.17 -7.75
C GLY A 225 23.45 4.21 -6.72
N LEU A 226 24.02 3.01 -6.64
CA LEU A 226 23.58 2.05 -5.63
C LEU A 226 23.85 2.60 -4.22
N THR A 227 25.02 3.21 -4.04
CA THR A 227 25.38 3.77 -2.74
C THR A 227 24.41 4.88 -2.35
N ARG A 228 24.08 5.73 -3.33
CA ARG A 228 23.15 6.82 -3.08
C ARG A 228 21.74 6.34 -2.79
N ALA A 229 21.27 5.36 -3.56
CA ALA A 229 19.92 4.82 -3.36
C ALA A 229 19.75 4.33 -1.93
N VAL A 230 20.81 3.74 -1.37
CA VAL A 230 20.74 3.26 0.00
C VAL A 230 21.01 4.37 1.04
N ALA A 231 22.20 4.95 1.00
CA ALA A 231 22.61 5.90 2.06
C ALA A 231 21.72 7.15 2.14
N GLU A 232 21.25 7.61 0.98
CA GLU A 232 20.37 8.78 0.92
C GLU A 232 18.90 8.38 0.80
N GLY A 233 18.59 7.63 -0.26
CA GLY A 233 17.22 7.23 -0.54
C GLY A 233 16.51 6.47 0.57
N CYS A 234 17.26 5.80 1.44
CA CYS A 234 16.64 5.02 2.52
C CYS A 234 16.78 5.67 3.89
N VAL A 235 17.32 6.88 3.96
CA VAL A 235 17.55 7.50 5.27
C VAL A 235 16.25 7.70 6.03
N ASP A 236 16.27 7.40 7.33
CA ASP A 236 15.17 7.71 8.22
C ASP A 236 15.68 8.82 9.13
N VAL A 237 15.34 10.06 8.77
CA VAL A 237 15.88 11.23 9.46
C VAL A 237 15.52 11.21 10.94
N PHE A 238 14.31 10.75 11.26
CA PHE A 238 13.88 10.67 12.65
C PHE A 238 14.68 9.67 13.47
N LYS A 239 14.81 8.44 12.99
CA LYS A 239 15.62 7.45 13.70
C LYS A 239 17.08 7.88 13.82
N GLU A 240 17.58 8.63 12.85
CA GLU A 240 18.95 9.16 12.95
C GLU A 240 19.08 10.11 14.15
N LYS A 241 18.05 10.93 14.37
CA LYS A 241 18.10 11.90 15.46
C LYS A 241 17.81 11.24 16.81
N GLU A 242 16.97 10.21 16.80
CA GLU A 242 16.61 9.49 18.01
C GLU A 242 17.64 8.43 18.38
N GLY A 243 18.59 8.19 17.48
CA GLY A 243 19.62 7.17 17.71
C GLY A 243 19.05 5.77 17.76
N ILE A 244 18.11 5.50 16.85
CA ILE A 244 17.44 4.20 16.80
C ILE A 244 17.88 3.45 15.54
N GLU A 245 18.54 2.30 15.72
CA GLU A 245 19.05 1.52 14.61
C GLU A 245 17.89 0.98 13.79
N TYR A 246 18.07 0.95 12.46
CA TYR A 246 17.07 0.39 11.55
C TYR A 246 17.81 -0.34 10.44
N LEU A 247 17.17 -1.32 9.82
CA LEU A 247 17.86 -2.19 8.87
C LEU A 247 17.31 -2.08 7.47
N VAL A 248 18.18 -1.65 6.54
CA VAL A 248 17.86 -1.68 5.12
C VAL A 248 18.28 -3.05 4.61
N PHE A 249 17.28 -3.83 4.19
CA PHE A 249 17.48 -5.23 3.87
C PHE A 249 17.24 -5.40 2.36
N LEU A 250 18.22 -5.94 1.65
CA LEU A 250 18.08 -6.20 0.21
C LEU A 250 18.38 -7.67 -0.04
N SER A 251 17.89 -8.20 -1.17
CA SER A 251 18.10 -9.62 -1.49
C SER A 251 18.07 -9.87 -3.00
N SER A 252 18.85 -10.86 -3.44
CA SER A 252 18.91 -11.25 -4.85
C SER A 252 19.32 -12.71 -4.92
N ASP A 253 19.21 -13.33 -6.10
CA ASP A 253 19.83 -14.63 -6.30
C ASP A 253 21.34 -14.48 -6.13
N LEU A 254 21.97 -15.48 -5.51
CA LEU A 254 23.43 -15.51 -5.40
C LEU A 254 24.04 -15.46 -6.81
N GLU A 255 23.35 -16.06 -7.77
CA GLU A 255 23.84 -16.12 -9.15
C GLU A 255 23.88 -14.75 -9.83
N SER A 256 23.25 -13.76 -9.24
CA SER A 256 23.35 -12.37 -9.75
C SER A 256 24.79 -11.87 -9.65
N LEU A 257 25.56 -12.51 -8.77
CA LEU A 257 26.97 -12.11 -8.61
C LEU A 257 27.81 -12.56 -9.79
N VAL A 258 27.26 -13.42 -10.65
CA VAL A 258 27.92 -13.73 -11.92
C VAL A 258 27.06 -13.44 -13.17
N ALA A 259 26.08 -12.57 -13.01
CA ALA A 259 25.17 -12.23 -14.11
C ALA A 259 25.89 -11.44 -15.20
N ASN A 260 26.99 -10.79 -14.82
CA ASN A 260 27.91 -10.19 -15.79
C ASN A 260 29.31 -10.19 -15.17
N PRO A 261 30.35 -9.96 -15.98
CA PRO A 261 31.71 -10.16 -15.44
C PRO A 261 32.14 -9.22 -14.33
N LYS A 262 31.44 -8.11 -14.13
CA LYS A 262 31.88 -7.11 -13.15
C LYS A 262 31.07 -7.11 -11.86
N GLN A 263 30.13 -8.03 -11.75
CA GLN A 263 29.23 -8.04 -10.61
C GLN A 263 29.93 -8.18 -9.26
N LEU A 264 30.92 -9.05 -9.20
CA LEU A 264 31.61 -9.31 -7.93
C LEU A 264 32.28 -8.03 -7.44
N ASP A 265 32.96 -7.33 -8.35
CA ASP A 265 33.63 -6.10 -7.97
C ASP A 265 32.66 -4.96 -7.69
N ARG A 266 31.56 -4.91 -8.42
CA ARG A 266 30.51 -3.95 -8.12
C ARG A 266 29.99 -4.15 -6.72
N PHE A 267 29.79 -5.41 -6.33
CA PHE A 267 29.21 -5.66 -5.02
C PHE A 267 30.18 -5.19 -3.92
N LEU A 268 31.44 -5.54 -4.06
CA LEU A 268 32.44 -5.18 -3.06
C LEU A 268 32.59 -3.65 -2.98
N GLY A 269 32.56 -2.99 -4.13
CA GLY A 269 32.64 -1.54 -4.18
C GLY A 269 31.46 -0.86 -3.53
N TRP A 270 30.27 -1.42 -3.72
CA TRP A 270 29.05 -0.92 -3.10
C TRP A 270 29.13 -1.02 -1.58
N ILE A 271 29.49 -2.19 -1.07
CA ILE A 271 29.61 -2.35 0.37
C ILE A 271 30.63 -1.39 0.96
N ASP A 272 31.75 -1.21 0.26
CA ASP A 272 32.80 -0.30 0.71
C ASP A 272 32.27 1.12 0.77
N GLY A 273 31.47 1.49 -0.22
CA GLY A 273 30.88 2.82 -0.29
C GLY A 273 29.93 3.09 0.86
N LEU A 274 29.12 2.09 1.21
CA LEU A 274 28.22 2.20 2.34
C LEU A 274 28.97 2.31 3.66
N LYS A 275 30.00 1.47 3.85
CA LYS A 275 30.75 1.50 5.11
C LYS A 275 31.41 2.88 5.30
N LYS A 276 31.90 3.46 4.21
CA LYS A 276 32.53 4.79 4.28
C LYS A 276 31.52 5.90 4.58
N ARG A 277 30.24 5.59 4.41
CA ARG A 277 29.18 6.54 4.75
C ARG A 277 28.73 6.40 6.19
N GLY A 278 29.37 5.51 6.94
CA GLY A 278 29.03 5.29 8.33
C GLY A 278 27.95 4.24 8.53
N ILE A 279 27.76 3.39 7.52
CA ILE A 279 26.72 2.36 7.59
C ILE A 279 27.35 1.00 7.86
N GLU A 280 27.00 0.41 9.00
CA GLU A 280 27.51 -0.90 9.38
C GLU A 280 26.74 -1.99 8.64
N ILE A 281 27.43 -3.04 8.22
CA ILE A 281 26.81 -4.13 7.48
C ILE A 281 26.58 -5.30 8.45
N ILE A 282 25.32 -5.63 8.71
CA ILE A 282 24.99 -6.60 9.74
C ILE A 282 23.81 -7.48 9.30
N ASN A 283 24.00 -8.79 9.33
CA ASN A 283 22.96 -9.70 8.86
C ASN A 283 21.67 -9.63 9.70
N VAL A 284 20.56 -10.05 9.09
CA VAL A 284 19.25 -9.93 9.72
C VAL A 284 19.16 -10.52 11.14
N ALA A 285 19.71 -11.71 11.35
CA ALA A 285 19.60 -12.36 12.66
C ALA A 285 20.37 -11.62 13.74
N GLU A 286 21.57 -11.16 13.41
CA GLU A 286 22.36 -10.38 14.35
C GLU A 286 21.70 -9.04 14.65
N PHE A 287 21.06 -8.45 13.65
CA PHE A 287 20.33 -7.20 13.86
C PHE A 287 19.22 -7.39 14.89
N ILE A 288 18.43 -8.45 14.71
CA ILE A 288 17.38 -8.77 15.67
C ILE A 288 17.95 -9.01 17.07
N ARG A 289 19.04 -9.78 17.16
CA ARG A 289 19.65 -10.07 18.47
C ARG A 289 20.04 -8.79 19.20
N LYS A 290 20.59 -7.83 18.47
CA LYS A 290 21.05 -6.59 19.07
C LYS A 290 19.90 -5.70 19.53
N LYS A 291 18.79 -5.76 18.80
CA LYS A 291 17.56 -5.09 19.23
C LYS A 291 17.04 -5.74 20.50
N VAL A 292 16.93 -7.07 20.48
CA VAL A 292 16.41 -7.85 21.59
C VAL A 292 17.28 -7.71 22.85
N SER A 293 18.60 -7.64 22.65
CA SER A 293 19.55 -7.55 23.76
C SER A 293 19.64 -6.13 24.32
N ASN A 294 19.00 -5.18 23.65
CA ASN A 294 19.10 -3.75 23.96
C ASN A 294 20.49 -3.16 23.73
N GLU A 295 21.31 -3.84 22.93
CA GLU A 295 22.56 -3.25 22.46
C GLU A 295 22.23 -2.13 21.48
N TYR A 296 21.16 -2.33 20.71
CA TYR A 296 20.60 -1.29 19.88
C TYR A 296 19.41 -0.68 20.62
N LYS A 297 19.07 0.56 20.27
CA LYS A 297 17.88 1.20 20.83
C LYS A 297 16.66 0.90 19.94
N SER A 298 15.50 0.73 20.55
CA SER A 298 14.30 0.36 19.81
C SER A 298 13.16 1.36 19.98
N LEU A 299 12.28 1.40 18.98
CA LEU A 299 10.98 2.02 19.16
C LEU A 299 10.24 1.19 20.20
N PRO A 300 9.33 1.84 20.96
CA PRO A 300 8.47 1.11 21.90
C PRO A 300 7.75 -0.04 21.20
N GLY A 301 7.94 -1.27 21.69
CA GLY A 301 7.28 -2.44 21.13
C GLY A 301 8.06 -3.16 20.04
N GLU A 302 9.10 -2.51 19.52
CA GLU A 302 9.88 -3.08 18.41
C GLU A 302 10.43 -4.48 18.75
N CYS A 303 10.38 -5.38 17.76
CA CYS A 303 10.80 -6.78 17.90
C CYS A 303 9.88 -7.63 18.78
N SER A 304 8.66 -7.16 19.00
CA SER A 304 7.69 -7.89 19.81
C SER A 304 6.38 -8.05 19.03
N GLU A 305 5.43 -8.75 19.64
CA GLU A 305 4.12 -8.98 19.01
C GLU A 305 3.33 -7.69 18.86
N SER A 306 3.81 -6.62 19.50
CA SER A 306 3.22 -5.30 19.36
C SER A 306 3.53 -4.74 17.96
N PHE A 307 4.65 -5.17 17.39
CA PHE A 307 5.07 -4.70 16.07
C PHE A 307 4.70 -5.73 15.00
N ARG A 308 3.49 -6.28 15.09
CA ARG A 308 3.04 -7.23 14.08
C ARG A 308 2.58 -6.53 12.83
N ILE A 309 2.89 -7.12 11.68
CA ILE A 309 2.38 -6.66 10.40
C ILE A 309 1.80 -7.85 9.67
N ASN A 310 1.05 -7.57 8.61
CA ASN A 310 0.38 -8.62 7.87
C ASN A 310 1.06 -8.82 6.52
N VAL A 311 0.98 -10.03 5.99
CA VAL A 311 1.53 -10.32 4.65
C VAL A 311 0.40 -10.88 3.80
N LYS A 312 0.35 -10.44 2.55
CA LYS A 312 -0.69 -10.88 1.63
C LYS A 312 -0.48 -12.34 1.24
N ASP A 313 -1.50 -13.18 1.43
CA ASP A 313 -1.41 -14.57 1.01
C ASP A 313 -1.14 -14.64 -0.50
N TYR A 314 -0.23 -15.55 -0.86
CA TYR A 314 0.22 -15.80 -2.24
C TYR A 314 1.08 -14.70 -2.85
N SER A 315 1.47 -13.70 -2.07
CA SER A 315 2.40 -12.70 -2.56
C SER A 315 3.80 -13.33 -2.70
N SER A 316 4.70 -12.63 -3.38
CA SER A 316 6.03 -13.15 -3.71
C SER A 316 7.06 -12.04 -3.85
N TRP A 317 8.31 -12.42 -4.15
CA TRP A 317 9.32 -11.40 -4.43
C TRP A 317 9.54 -11.12 -5.93
N SER A 318 8.88 -11.87 -6.81
CA SER A 318 9.29 -11.84 -8.20
C SER A 318 8.14 -11.90 -9.21
N ASP A 319 6.92 -11.61 -8.77
CA ASP A 319 5.75 -11.66 -9.64
C ASP A 319 5.84 -10.66 -10.78
N TYR A 320 4.98 -10.85 -11.78
CA TYR A 320 4.83 -9.91 -12.89
C TYR A 320 4.15 -8.65 -12.34
N PHE A 321 4.95 -7.74 -11.79
CA PHE A 321 4.43 -6.56 -11.10
C PHE A 321 3.72 -5.56 -12.03
N ASP A 322 4.07 -5.56 -13.31
CA ASP A 322 3.42 -4.67 -14.27
C ASP A 322 1.93 -5.00 -14.45
N LEU A 323 1.54 -6.20 -14.01
CA LEU A 323 0.14 -6.63 -14.07
C LEU A 323 -0.56 -6.53 -12.72
N SER A 324 0.13 -6.03 -11.70
CA SER A 324 -0.49 -5.92 -10.38
C SER A 324 -1.64 -4.91 -10.40
N VAL A 325 -2.75 -5.22 -9.76
CA VAL A 325 -3.83 -4.25 -9.62
C VAL A 325 -4.01 -3.72 -8.20
N ASP A 326 -3.15 -4.17 -7.27
CA ASP A 326 -3.25 -3.71 -5.87
C ASP A 326 -1.96 -3.11 -5.32
N GLY A 327 -0.94 -2.99 -6.17
CA GLY A 327 0.34 -2.43 -5.76
C GLY A 327 1.20 -3.44 -5.01
N ARG A 328 0.68 -4.66 -4.89
CA ARG A 328 1.45 -5.73 -4.26
C ARG A 328 1.76 -6.84 -5.26
N THR A 329 2.56 -7.83 -4.84
CA THR A 329 2.85 -8.95 -5.70
C THR A 329 1.84 -10.06 -5.42
N SER A 330 1.84 -11.08 -6.27
CA SER A 330 0.97 -12.25 -6.10
C SER A 330 1.72 -13.45 -6.64
N ASP A 331 0.99 -14.47 -7.10
CA ASP A 331 1.61 -15.68 -7.64
C ASP A 331 1.17 -15.93 -9.08
N ARG A 333 2.52 -15.20 -11.74
CA ARG A 333 3.59 -15.62 -12.59
C ARG A 333 3.63 -17.14 -12.72
N TRP A 334 3.36 -17.85 -11.63
CA TRP A 334 3.44 -19.31 -11.62
C TRP A 334 2.13 -20.02 -11.92
N THR A 335 0.99 -19.34 -11.77
CA THR A 335 -0.31 -19.98 -12.02
C THR A 335 -0.88 -19.59 -13.37
N GLY A 336 -0.44 -18.46 -13.89
CA GLY A 336 -1.00 -17.97 -15.15
C GLY A 336 -2.28 -17.19 -14.92
N ILE A 337 -2.69 -17.05 -13.66
CA ILE A 337 -3.98 -16.41 -13.34
C ILE A 337 -3.83 -15.22 -12.41
N ARG A 338 -4.39 -14.07 -12.80
CA ARG A 338 -4.45 -12.95 -11.87
C ARG A 338 -5.64 -13.14 -10.95
N ARG A 339 -5.38 -13.21 -9.63
CA ARG A 339 -6.43 -13.55 -8.66
C ARG A 339 -7.51 -12.50 -8.48
N GLU A 340 -7.12 -11.23 -8.60
CA GLU A 340 -8.03 -10.14 -8.24
C GLU A 340 -9.27 -10.13 -9.13
N ASP A 341 -9.07 -10.36 -10.42
CA ASP A 341 -10.19 -10.40 -11.36
C ASP A 341 -10.37 -11.77 -12.00
N ASN A 342 -9.58 -12.75 -11.55
CA ASN A 342 -9.70 -14.13 -12.04
C ASN A 342 -9.62 -14.25 -13.57
N VAL A 343 -8.52 -13.77 -14.15
CA VAL A 343 -8.30 -13.88 -15.58
C VAL A 343 -6.96 -14.53 -15.88
N VAL A 344 -6.89 -15.22 -17.02
CA VAL A 344 -5.68 -15.85 -17.51
C VAL A 344 -4.87 -14.83 -18.30
N ILE A 345 -3.61 -14.66 -17.91
CA ILE A 345 -2.77 -13.63 -18.50
C ILE A 345 -1.97 -14.13 -19.69
N HIS A 346 -1.32 -13.21 -20.39
CA HIS A 346 -0.35 -13.57 -21.42
C HIS A 346 0.93 -12.81 -21.15
N ARG A 347 2.04 -13.26 -21.75
CA ARG A 347 3.30 -12.56 -21.68
C ARG A 347 3.94 -12.58 -23.06
N TRP A 348 4.93 -11.74 -23.27
CA TRP A 348 5.68 -11.78 -24.53
C TRP A 348 6.79 -12.80 -24.50
N TYR A 349 6.97 -13.48 -25.63
CA TYR A 349 8.08 -14.40 -25.84
C TYR A 349 8.45 -14.39 -27.32
N LYS A 350 9.71 -14.06 -27.61
CA LYS A 350 10.16 -13.97 -28.99
C LYS A 350 9.23 -13.07 -29.83
N GLU A 351 8.85 -11.94 -29.26
CA GLU A 351 7.99 -10.93 -29.88
C GLU A 351 6.60 -11.40 -30.35
N ARG A 352 6.07 -12.43 -29.70
CA ARG A 352 4.65 -12.77 -29.88
C ARG A 352 4.07 -12.95 -28.48
N LYS A 353 2.77 -12.73 -28.34
CA LYS A 353 2.11 -12.91 -27.05
C LYS A 353 1.83 -14.39 -26.89
N VAL A 354 2.05 -14.91 -25.68
CA VAL A 354 1.85 -16.33 -25.41
C VAL A 354 0.97 -16.45 -24.19
N SER A 355 -0.11 -17.23 -24.27
CA SER A 355 -1.01 -17.40 -23.14
C SER A 355 -0.28 -18.15 -22.03
N GLN A 356 -0.51 -17.77 -20.79
CA GLN A 356 0.09 -18.48 -19.65
C GLN A 356 -0.81 -19.60 -19.10
N LEU A 357 -1.86 -19.91 -19.85
CA LEU A 357 -2.80 -20.97 -19.45
C LEU A 357 -2.10 -22.30 -19.15
N TRP A 358 -1.04 -22.60 -19.90
CA TRP A 358 -0.29 -23.86 -19.69
C TRP A 358 0.21 -24.02 -18.25
N LYS A 359 0.54 -22.90 -17.59
CA LYS A 359 1.01 -22.93 -16.21
C LYS A 359 -0.04 -23.44 -15.23
N PHE A 360 -1.27 -23.00 -15.40
CA PHE A 360 -2.35 -23.54 -14.58
C PHE A 360 -2.51 -25.07 -14.76
N ALA A 361 -2.55 -25.53 -16.01
CA ALA A 361 -2.68 -26.97 -16.29
C ALA A 361 -1.52 -27.75 -15.70
N PHE A 362 -0.31 -27.22 -15.85
CA PHE A 362 0.90 -27.89 -15.37
C PHE A 362 0.85 -28.00 -13.84
N LYS A 364 -1.87 -27.84 -11.93
CA LYS A 364 -2.97 -28.70 -11.50
C LYS A 364 -2.63 -30.17 -11.68
N LEU A 365 -2.01 -30.49 -12.81
CA LEU A 365 -1.60 -31.87 -13.10
C LEU A 365 -0.61 -32.35 -12.04
N PHE A 366 0.36 -31.51 -11.71
CA PHE A 366 1.32 -31.94 -10.68
C PHE A 366 0.71 -32.14 -9.29
N ARG A 367 -0.28 -31.34 -8.91
CA ARG A 367 -1.02 -31.59 -7.66
C ARG A 367 -1.58 -33.02 -7.67
N GLU A 368 -2.10 -33.43 -8.82
CA GLU A 368 -2.69 -34.75 -8.96
C GLU A 368 -1.64 -35.84 -8.95
N LEU A 369 -0.53 -35.62 -9.67
CA LEU A 369 0.54 -36.61 -9.73
C LEU A 369 1.13 -36.79 -8.32
N ASN A 370 1.31 -35.68 -7.63
CA ASN A 370 1.86 -35.70 -6.27
C ASN A 370 1.04 -36.57 -5.34
N ARG A 371 -0.27 -36.40 -5.41
CA ARG A 371 -1.13 -37.21 -4.57
C ARG A 371 -1.14 -38.67 -4.98
N ALA A 372 -1.12 -38.95 -6.28
CA ALA A 372 -1.08 -40.33 -6.73
C ALA A 372 0.16 -41.02 -6.14
N VAL A 373 1.28 -40.31 -6.14
CA VAL A 373 2.50 -40.90 -5.61
C VAL A 373 2.39 -41.10 -4.11
N ARG A 374 1.92 -40.06 -3.41
CA ARG A 374 1.84 -40.11 -1.94
C ARG A 374 0.89 -41.20 -1.49
N PHE A 375 -0.29 -41.26 -2.12
CA PHE A 375 -1.25 -42.29 -1.75
C PHE A 375 -0.77 -43.69 -2.10
N GLY A 376 0.02 -43.82 -3.15
CA GLY A 376 0.63 -45.09 -3.51
C GLY A 376 1.62 -45.52 -2.44
N VAL A 377 2.42 -44.58 -1.96
CA VAL A 377 3.36 -44.88 -0.90
C VAL A 377 2.61 -45.33 0.36
N ILE A 378 1.57 -44.58 0.72
CA ILE A 378 0.82 -44.88 1.94
C ILE A 378 0.15 -46.23 1.80
N ASP A 379 -0.43 -46.49 0.64
CA ASP A 379 -1.11 -47.77 0.39
C ASP A 379 -0.15 -48.95 0.46
N LEU A 381 2.75 -49.11 1.98
CA LEU A 381 3.26 -49.28 3.35
C LEU A 381 2.19 -49.90 4.25
N ARG A 382 0.92 -49.61 3.96
CA ARG A 382 -0.19 -50.27 4.66
C ARG A 382 -0.11 -51.79 4.52
N THR A 383 0.28 -52.26 3.33
CA THR A 383 0.39 -53.71 3.09
C THR A 383 1.54 -54.33 3.88
N GLN A 384 2.42 -53.48 4.42
CA GLN A 384 3.56 -53.94 5.22
C GLN A 384 3.30 -53.79 6.71
N GLY A 385 2.05 -53.51 7.07
CA GLY A 385 1.70 -53.38 8.48
C GLY A 385 1.83 -51.99 9.06
N VAL A 386 2.19 -51.01 8.21
CA VAL A 386 2.36 -49.64 8.68
C VAL A 386 1.09 -48.84 8.42
N SER A 387 0.39 -48.50 9.50
CA SER A 387 -0.92 -47.85 9.38
C SER A 387 -0.90 -46.42 9.92
N ASP A 388 0.09 -46.10 10.75
CA ASP A 388 0.13 -44.80 11.42
C ASP A 388 0.73 -43.77 10.47
N ILE A 389 -0.08 -42.81 10.01
CA ILE A 389 0.41 -41.82 9.05
C ILE A 389 1.57 -40.99 9.60
N GLU A 390 1.62 -40.83 10.92
CA GLU A 390 2.72 -40.06 11.52
C GLU A 390 4.06 -40.79 11.45
N LYS A 391 4.03 -42.12 11.50
CA LYS A 391 5.26 -42.91 11.36
C LYS A 391 5.72 -42.87 9.91
N ILE A 392 4.76 -42.92 8.99
CA ILE A 392 5.10 -42.77 7.58
C ILE A 392 5.75 -41.40 7.30
N LYS A 393 5.19 -40.33 7.84
CA LYS A 393 5.80 -39.00 7.72
C LYS A 393 7.22 -38.98 8.28
N GLU A 394 7.39 -39.54 9.48
CA GLU A 394 8.75 -39.60 10.06
C GLU A 394 9.74 -40.33 9.16
N PHE A 395 9.31 -41.44 8.56
CA PHE A 395 10.15 -42.20 7.66
C PHE A 395 10.50 -41.35 6.45
N LEU A 396 9.51 -40.67 5.87
CA LEU A 396 9.81 -39.89 4.66
C LEU A 396 10.77 -38.73 4.98
N VAL A 397 10.68 -38.18 6.17
CA VAL A 397 11.64 -37.15 6.58
C VAL A 397 13.04 -37.76 6.75
N ARG A 398 13.14 -38.89 7.45
CA ARG A 398 14.44 -39.54 7.63
C ARG A 398 15.05 -40.02 6.33
N TYR A 399 14.21 -40.32 5.32
CA TYR A 399 14.74 -40.77 4.04
C TYR A 399 15.62 -39.72 3.36
N SER A 400 15.54 -38.48 3.79
CA SER A 400 16.43 -37.47 3.21
C SER A 400 17.90 -37.81 3.54
N ARG A 401 18.11 -38.57 4.60
CA ARG A 401 19.47 -39.07 4.89
C ARG A 401 19.99 -40.09 3.90
N VAL A 402 19.11 -40.72 3.12
CA VAL A 402 19.52 -41.58 2.04
C VAL A 402 19.73 -40.70 0.80
N PHE A 403 18.71 -39.89 0.51
CA PHE A 403 18.72 -39.07 -0.71
C PHE A 403 19.90 -38.11 -0.75
N PHE A 404 20.24 -37.50 0.39
CA PHE A 404 21.39 -36.57 0.45
C PHE A 404 22.52 -37.19 1.29
N ARG A 405 22.68 -38.51 1.21
CA ARG A 405 23.59 -39.24 2.11
C ARG A 405 24.96 -38.60 2.31
N GLU A 406 25.65 -38.28 1.22
CA GLU A 406 27.03 -37.75 1.36
C GLU A 406 27.13 -36.45 2.18
N HIS A 407 26.09 -35.62 2.13
CA HIS A 407 26.03 -34.38 2.91
C HIS A 407 25.95 -34.68 4.39
N TYR A 408 25.01 -35.54 4.77
CA TYR A 408 24.88 -35.87 6.18
C TYR A 408 26.15 -36.58 6.66
N GLU A 409 26.69 -37.47 5.83
CA GLU A 409 27.92 -38.19 6.20
C GLU A 409 29.10 -37.25 6.33
N TYR A 410 29.17 -36.22 5.49
CA TYR A 410 30.22 -35.18 5.61
C TYR A 410 30.24 -34.59 7.01
N PHE A 411 29.05 -34.39 7.58
CA PHE A 411 28.89 -33.82 8.92
C PHE A 411 28.71 -34.85 10.04
N GLU A 412 29.04 -36.10 9.73
CA GLU A 412 29.08 -37.20 10.71
C GLU A 412 27.73 -37.49 11.31
N LEU A 413 26.69 -37.29 10.51
CA LEU A 413 25.32 -37.61 10.93
C LEU A 413 24.91 -38.99 10.45
N ASP A 414 24.08 -39.69 11.25
CA ASP A 414 23.70 -41.08 10.98
C ASP A 414 22.80 -41.16 9.75
N THR A 415 23.22 -41.93 8.75
CA THR A 415 22.41 -42.17 7.56
C THR A 415 22.12 -43.65 7.39
N SER A 416 22.35 -44.45 8.43
CA SER A 416 22.27 -45.90 8.30
C SER A 416 20.85 -46.37 8.02
N VAL A 417 20.70 -47.54 7.40
CA VAL A 417 19.37 -48.12 7.14
C VAL A 417 18.60 -48.25 8.46
N ASP A 418 19.26 -48.71 9.52
CA ASP A 418 18.57 -48.82 10.80
C ASP A 418 18.03 -47.48 11.31
N TYR A 419 18.73 -46.36 11.07
CA TYR A 419 18.22 -45.07 11.50
C TYR A 419 16.99 -44.70 10.68
N VAL A 420 17.11 -44.85 9.36
CA VAL A 420 16.04 -44.40 8.47
C VAL A 420 14.78 -45.23 8.66
N GLU A 422 13.80 -46.81 11.35
CA GLU A 422 13.31 -46.84 12.74
C GLU A 422 11.78 -46.62 12.93
N PRO A 423 11.20 -45.56 12.33
CA PRO A 423 9.75 -45.36 12.55
C PRO A 423 8.85 -46.40 11.88
N ILE A 424 9.36 -47.14 10.92
CA ILE A 424 8.56 -48.16 10.23
C ILE A 424 9.28 -49.49 10.20
N HIS A 425 9.88 -49.87 11.32
CA HIS A 425 10.81 -51.00 11.28
C HIS A 425 10.13 -52.35 11.05
N GLU A 426 8.80 -52.38 11.07
CA GLU A 426 8.09 -53.61 10.71
C GLU A 426 8.06 -53.81 9.20
N ALA A 427 8.34 -52.76 8.44
CA ALA A 427 8.25 -52.88 6.98
C ALA A 427 9.51 -53.48 6.37
N ASP A 428 9.38 -54.15 5.24
CA ASP A 428 10.52 -54.67 4.51
C ASP A 428 11.30 -53.49 3.93
N PRO A 429 12.60 -53.38 4.26
CA PRO A 429 13.35 -52.20 3.78
C PRO A 429 13.50 -52.19 2.26
N SER A 430 13.53 -53.34 1.60
CA SER A 430 13.61 -53.34 0.13
C SER A 430 12.42 -52.59 -0.49
N LEU A 431 11.23 -52.85 0.00
CA LEU A 431 10.06 -52.10 -0.47
C LEU A 431 10.06 -50.66 0.05
N ALA A 432 10.27 -50.48 1.36
CA ALA A 432 10.18 -49.13 1.93
C ALA A 432 11.16 -48.15 1.30
N LEU A 433 12.40 -48.57 1.08
CA LEU A 433 13.39 -47.63 0.56
C LEU A 433 13.11 -47.34 -0.91
N LYS A 434 12.54 -48.30 -1.63
CA LYS A 434 12.08 -48.01 -2.99
C LYS A 434 10.97 -46.94 -2.99
N LEU A 435 10.05 -47.03 -2.03
CA LEU A 435 8.96 -46.06 -1.91
C LEU A 435 9.52 -44.69 -1.50
N GLY A 436 10.53 -44.68 -0.63
CA GLY A 436 11.15 -43.41 -0.27
C GLY A 436 11.77 -42.76 -1.52
N ARG A 437 12.44 -43.54 -2.36
CA ARG A 437 13.05 -43.04 -3.60
C ARG A 437 11.97 -42.48 -4.50
N ILE A 438 10.89 -43.24 -4.65
CA ILE A 438 9.78 -42.75 -5.51
C ILE A 438 9.22 -41.42 -4.99
N TYR A 439 9.02 -41.32 -3.67
CA TYR A 439 8.46 -40.11 -3.08
C TYR A 439 9.42 -38.93 -3.34
N TYR A 440 10.71 -39.18 -3.18
CA TYR A 440 11.68 -38.09 -3.36
C TYR A 440 11.86 -37.69 -4.83
N LEU A 441 11.71 -38.65 -5.75
CA LEU A 441 11.72 -38.28 -7.17
C LEU A 441 10.53 -37.38 -7.44
N LEU A 443 9.13 -35.32 -5.23
CA LEU A 443 9.46 -34.01 -4.67
C LEU A 443 10.41 -33.24 -5.59
N LEU A 444 11.42 -33.94 -6.11
CA LEU A 444 12.43 -33.33 -6.97
C LEU A 444 11.77 -32.78 -8.25
N ALA A 445 10.71 -33.45 -8.66
CA ALA A 445 9.97 -33.06 -9.87
C ALA A 445 9.10 -31.81 -9.72
N ASN A 446 9.04 -31.25 -8.51
CA ASN A 446 8.19 -30.09 -8.26
C ASN A 446 8.92 -28.74 -8.24
N HIS A 447 10.10 -28.70 -8.86
CA HIS A 447 10.83 -27.43 -9.05
C HIS A 447 9.84 -26.38 -9.58
N SER A 448 9.88 -25.19 -9.00
CA SER A 448 9.02 -24.08 -9.45
C SER A 448 9.46 -23.52 -10.80
N CYS A 449 10.75 -23.73 -11.16
CA CYS A 449 11.37 -23.08 -12.34
C CYS A 449 10.61 -23.08 -13.64
N PRO A 450 10.04 -24.23 -14.07
CA PRO A 450 9.36 -24.20 -15.37
C PRO A 450 8.33 -23.10 -15.44
N ARG A 451 7.64 -22.85 -14.33
CA ARG A 451 6.53 -21.90 -14.35
C ARG A 451 6.98 -20.45 -14.16
N PHE A 452 8.29 -20.24 -13.96
CA PHE A 452 8.78 -18.88 -13.81
C PHE A 452 8.83 -18.19 -15.17
N TRP A 453 9.10 -18.98 -16.21
CA TRP A 453 9.35 -18.44 -17.56
C TRP A 453 8.09 -18.35 -18.39
N GLU A 454 8.17 -17.61 -19.49
CA GLU A 454 6.95 -17.30 -20.25
C GLU A 454 6.57 -18.43 -21.19
N ASN A 455 7.57 -19.22 -21.57
CA ASN A 455 7.51 -20.27 -22.57
C ASN A 455 7.65 -21.63 -21.90
N ILE A 456 6.79 -22.60 -22.23
CA ILE A 456 6.84 -23.92 -21.58
C ILE A 456 8.09 -24.74 -21.95
N ASP A 457 8.61 -24.49 -23.14
CA ASP A 457 9.63 -25.38 -23.72
C ASP A 457 11.03 -25.03 -23.23
N THR A 458 11.38 -25.55 -22.06
CA THR A 458 12.67 -25.24 -21.44
C THR A 458 13.24 -26.52 -20.81
N ARG A 459 14.52 -26.47 -20.43
CA ARG A 459 15.18 -27.67 -19.94
C ARG A 459 14.61 -28.03 -18.57
N VAL A 460 14.10 -27.03 -17.84
CA VAL A 460 13.56 -27.30 -16.51
C VAL A 460 12.21 -27.99 -16.59
N THR A 461 11.39 -27.60 -17.56
CA THR A 461 10.12 -28.32 -17.74
C THR A 461 10.39 -29.76 -18.13
N PHE A 462 11.33 -29.97 -19.07
CA PHE A 462 11.73 -31.32 -19.48
C PHE A 462 12.16 -32.13 -18.24
N GLY A 463 13.00 -31.53 -17.40
CA GLY A 463 13.50 -32.21 -16.22
C GLY A 463 12.40 -32.62 -15.24
N ASN A 464 11.49 -31.70 -14.94
CA ASN A 464 10.38 -32.00 -14.02
C ASN A 464 9.58 -33.18 -14.55
N VAL A 465 9.28 -33.18 -15.85
CA VAL A 465 8.47 -34.23 -16.44
C VAL A 465 9.23 -35.56 -16.51
N ALA A 466 10.51 -35.51 -16.87
CA ALA A 466 11.29 -36.73 -16.95
C ALA A 466 11.42 -37.36 -15.57
N THR A 467 11.58 -36.51 -14.56
CA THR A 467 11.74 -36.99 -13.18
C THR A 467 10.45 -37.60 -12.63
N ILE A 468 9.32 -36.91 -12.82
CA ILE A 468 8.05 -37.49 -12.36
C ILE A 468 7.71 -38.76 -13.17
N SER A 469 8.08 -38.80 -14.46
CA SER A 469 7.82 -40.01 -15.25
C SER A 469 8.57 -41.19 -14.65
N LYS A 470 9.81 -40.96 -14.19
CA LYS A 470 10.59 -42.02 -13.56
C LYS A 470 9.84 -42.57 -12.36
N ALA A 471 9.37 -41.68 -11.50
CA ALA A 471 8.69 -42.07 -10.27
C ALA A 471 7.42 -42.86 -10.58
N LEU A 472 6.64 -42.36 -11.53
CA LEU A 472 5.37 -43.03 -11.86
C LEU A 472 5.57 -44.42 -12.43
N ILE A 473 6.52 -44.57 -13.35
CA ILE A 473 6.75 -45.88 -13.94
C ILE A 473 7.23 -46.88 -12.90
N GLU A 474 8.10 -46.44 -12.00
CA GLU A 474 8.55 -47.32 -10.91
C GLU A 474 7.41 -47.74 -9.97
N LEU A 475 6.55 -46.79 -9.63
CA LEU A 475 5.41 -47.08 -8.76
C LEU A 475 4.46 -48.04 -9.47
N GLU A 477 5.23 -50.21 -11.71
CA GLU A 477 5.84 -51.53 -11.75
C GLU A 477 5.80 -52.25 -10.40
N LEU A 478 5.88 -51.51 -9.29
CA LEU A 478 5.68 -52.13 -7.97
C LEU A 478 4.27 -52.72 -7.84
N TYR A 479 3.28 -51.98 -8.33
CA TYR A 479 1.92 -52.52 -8.30
C TYR A 479 1.74 -53.70 -9.26
N GLU A 481 3.90 -55.95 -9.79
CA GLU A 481 4.52 -57.09 -9.11
C GLU A 481 3.54 -57.73 -8.15
N GLU A 482 2.66 -56.91 -7.59
CA GLU A 482 1.63 -57.40 -6.69
C GLU A 482 0.47 -57.99 -7.50
N ASN A 483 0.57 -57.92 -8.83
CA ASN A 483 -0.54 -58.26 -9.71
C ASN A 483 -1.74 -57.41 -9.33
N GLU A 484 -1.54 -56.10 -9.30
CA GLU A 484 -2.57 -55.16 -8.91
C GLU A 484 -3.20 -54.40 -10.06
N GLU A 485 -4.50 -54.21 -9.93
CA GLU A 485 -5.30 -53.37 -10.78
C GLU A 485 -4.84 -51.92 -10.61
N ARG A 486 -4.28 -51.61 -9.45
CA ARG A 486 -3.86 -50.26 -9.13
C ARG A 486 -2.70 -49.80 -10.00
N ALA A 487 -2.01 -50.76 -10.63
CA ALA A 487 -0.95 -50.40 -11.57
C ALA A 487 -1.53 -49.53 -12.68
N ASN A 488 -2.73 -49.81 -13.13
CA ASN A 488 -3.23 -48.93 -14.20
C ASN A 488 -3.77 -47.60 -13.71
N TYR A 489 -4.03 -47.48 -12.41
CA TYR A 489 -4.37 -46.16 -11.83
C TYR A 489 -3.15 -45.27 -12.02
N ILE A 490 -1.98 -45.85 -11.83
CA ILE A 490 -0.75 -45.08 -12.01
C ILE A 490 -0.43 -44.86 -13.50
N PHE A 491 -0.70 -45.84 -14.36
CA PHE A 491 -0.52 -45.65 -15.79
C PHE A 491 -1.39 -44.50 -16.27
N LEU A 492 -2.58 -44.36 -15.70
CA LEU A 492 -3.47 -43.23 -16.07
C LEU A 492 -2.75 -41.90 -15.82
N GLU A 493 -2.08 -41.80 -14.68
CA GLU A 493 -1.36 -40.57 -14.35
C GLU A 493 -0.25 -40.27 -15.36
N TYR A 494 0.50 -41.30 -15.74
CA TYR A 494 1.55 -41.14 -16.74
C TYR A 494 0.95 -40.77 -18.11
N LYS A 496 -1.63 -38.96 -18.62
CA LYS A 496 -1.93 -37.54 -18.59
C LYS A 496 -0.74 -36.68 -19.00
N LEU A 497 0.48 -37.10 -18.66
CA LEU A 497 1.67 -36.42 -19.20
C LEU A 497 1.84 -36.63 -20.69
N LEU A 498 1.79 -37.88 -21.14
CA LEU A 498 1.92 -38.15 -22.56
C LEU A 498 0.88 -37.37 -23.34
N ALA A 499 -0.36 -37.37 -22.84
CA ALA A 499 -1.43 -36.69 -23.58
C ALA A 499 -1.74 -35.30 -23.01
N PHE A 500 -0.70 -34.61 -22.54
CA PHE A 500 -0.85 -33.29 -21.93
C PHE A 500 -1.79 -32.30 -22.66
N PRO A 501 -1.71 -32.22 -24.01
CA PRO A 501 -2.56 -31.22 -24.67
C PRO A 501 -4.05 -31.46 -24.52
N GLN A 502 -4.44 -32.71 -24.28
CA GLN A 502 -5.85 -33.03 -24.06
C GLN A 502 -6.38 -32.40 -22.77
N LEU A 503 -5.50 -32.02 -21.85
CA LEU A 503 -5.97 -31.46 -20.59
C LEU A 503 -6.70 -30.10 -20.74
N TYR A 504 -6.52 -29.43 -21.88
CA TYR A 504 -7.28 -28.22 -22.14
C TYR A 504 -8.76 -28.55 -22.05
N TYR A 505 -9.13 -29.68 -22.64
CA TYR A 505 -10.53 -30.12 -22.63
C TYR A 505 -10.90 -30.75 -21.31
N ASP A 506 -10.06 -31.66 -20.82
CA ASP A 506 -10.43 -32.41 -19.62
C ASP A 506 -10.50 -31.56 -18.37
N TYR A 507 -9.68 -30.51 -18.29
CA TYR A 507 -9.75 -29.56 -17.18
C TYR A 507 -10.73 -28.40 -17.44
N ASP A 508 -11.49 -28.46 -18.53
CA ASP A 508 -12.48 -27.42 -18.82
C ASP A 508 -11.86 -26.03 -18.87
N LEU A 509 -10.67 -25.94 -19.43
CA LEU A 509 -9.97 -24.65 -19.43
C LEU A 509 -10.68 -23.62 -20.32
N PHE A 510 -11.47 -24.10 -21.26
CA PHE A 510 -12.30 -23.23 -22.11
C PHE A 510 -13.29 -22.37 -21.31
N ARG A 511 -13.59 -22.77 -20.08
CA ARG A 511 -14.48 -21.99 -19.21
C ARG A 511 -13.80 -20.76 -18.61
N LYS A 513 -11.57 -17.23 -18.35
CA LYS A 513 -11.63 -15.97 -19.06
C LYS A 513 -10.21 -15.43 -19.23
N GLY A 514 -9.87 -14.99 -20.44
CA GLY A 514 -8.57 -14.39 -20.69
C GLY A 514 -8.56 -12.91 -20.35
N LEU A 515 -7.40 -12.40 -19.93
CA LEU A 515 -7.27 -10.98 -19.56
C LEU A 515 -7.68 -10.11 -20.74
N GLU A 516 -7.09 -10.38 -21.90
CA GLU A 516 -7.42 -9.64 -23.12
C GLU A 516 -8.59 -10.28 -23.88
N GLY A 517 -8.85 -11.56 -23.62
CA GLY A 517 -10.02 -12.22 -24.19
C GLY A 517 -9.74 -13.41 -25.10
N TRP A 518 -8.46 -13.66 -25.40
CA TRP A 518 -8.08 -14.74 -26.29
C TRP A 518 -7.27 -15.83 -25.58
N GLU A 519 -6.84 -15.57 -24.35
CA GLU A 519 -5.83 -16.44 -23.72
C GLU A 519 -6.34 -17.85 -23.38
N THR A 520 -7.65 -18.05 -23.43
CA THR A 520 -8.21 -19.34 -23.06
C THR A 520 -8.86 -20.08 -24.23
N THR A 521 -8.60 -19.62 -25.45
CA THR A 521 -9.09 -20.30 -26.64
C THR A 521 -8.25 -21.54 -26.95
N GLU A 522 -8.82 -22.44 -27.75
CA GLU A 522 -8.08 -23.64 -28.17
C GLU A 522 -6.82 -23.25 -28.92
N LYS A 523 -6.94 -22.25 -29.79
CA LYS A 523 -5.81 -21.81 -30.59
C LYS A 523 -4.67 -21.33 -29.70
N ALA A 524 -5.01 -20.57 -28.66
CA ALA A 524 -4.00 -20.02 -27.75
C ALA A 524 -3.29 -21.14 -26.99
N TRP A 525 -4.05 -22.13 -26.56
CA TRP A 525 -3.50 -23.29 -25.86
C TRP A 525 -2.54 -24.05 -26.75
N PHE A 526 -2.99 -24.44 -27.93
CA PHE A 526 -2.16 -25.27 -28.79
C PHE A 526 -0.93 -24.51 -29.27
N GLU A 527 -1.09 -23.22 -29.54
CA GLU A 527 0.08 -22.44 -29.97
C GLU A 527 1.14 -22.41 -28.87
N SER A 528 0.69 -22.32 -27.62
CA SER A 528 1.59 -22.24 -26.45
C SER A 528 2.41 -23.51 -26.29
N LEU A 529 1.91 -24.63 -26.83
CA LEU A 529 2.56 -25.93 -26.67
C LEU A 529 3.49 -26.32 -27.81
N ARG A 530 3.55 -25.51 -28.86
CA ARG A 530 4.34 -25.89 -30.01
C ARG A 530 5.82 -26.07 -29.67
N SER A 531 6.42 -27.12 -30.23
CA SER A 531 7.84 -27.36 -29.99
C SER A 531 8.73 -26.21 -30.43
N GLU A 532 9.71 -25.89 -29.59
CA GLU A 532 10.72 -24.88 -29.92
C GLU A 532 12.02 -25.45 -30.53
N VAL A 533 12.05 -26.75 -30.82
CA VAL A 533 13.22 -27.40 -31.38
C VAL A 533 12.86 -28.14 -32.65
N PRO A 534 13.74 -28.10 -33.65
CA PRO A 534 13.34 -28.68 -34.93
C PRO A 534 13.42 -30.19 -34.93
N ASN A 535 14.12 -30.79 -33.95
CA ASN A 535 14.27 -32.24 -33.94
C ASN A 535 13.23 -32.92 -33.06
N SER A 536 12.18 -32.19 -32.69
CA SER A 536 10.99 -32.84 -32.10
C SER A 536 9.71 -32.12 -32.47
N LYS A 537 8.72 -32.86 -32.97
CA LYS A 537 7.45 -32.23 -33.31
C LYS A 537 6.51 -32.21 -32.11
N TYR A 538 6.94 -32.83 -30.99
CA TYR A 538 6.07 -32.90 -29.81
C TYR A 538 6.34 -31.81 -28.80
N ASN A 539 5.27 -31.37 -28.15
CA ASN A 539 5.40 -30.45 -27.02
C ASN A 539 6.35 -31.05 -25.95
N VAL A 540 6.96 -30.18 -25.16
CA VAL A 540 8.04 -30.61 -24.24
C VAL A 540 7.58 -31.62 -23.16
N VAL A 541 6.32 -31.54 -22.76
CA VAL A 541 5.79 -32.48 -21.74
C VAL A 541 5.71 -33.89 -22.33
N THR A 542 5.01 -34.02 -23.45
CA THR A 542 5.00 -35.29 -24.16
C THR A 542 6.41 -35.77 -24.49
N ARG A 543 7.26 -34.85 -24.95
CA ARG A 543 8.64 -35.20 -25.33
C ARG A 543 9.42 -35.90 -24.18
N ALA A 544 9.38 -35.29 -22.99
CA ALA A 544 10.07 -35.87 -21.83
C ALA A 544 9.42 -37.16 -21.37
N ALA A 545 8.09 -37.21 -21.34
CA ALA A 545 7.41 -38.45 -20.94
C ALA A 545 7.79 -39.61 -21.88
N LEU A 546 7.92 -39.33 -23.17
CA LEU A 546 8.35 -40.35 -24.11
C LEU A 546 9.82 -40.72 -23.94
N TYR A 547 10.66 -39.72 -23.67
CA TYR A 547 12.09 -39.96 -23.51
C TYR A 547 12.34 -40.97 -22.39
N VAL A 548 11.64 -40.80 -21.28
CA VAL A 548 11.77 -41.76 -20.18
C VAL A 548 11.02 -43.06 -20.47
N GLY A 549 9.82 -42.94 -21.01
CA GLY A 549 9.02 -44.14 -21.27
C GLY A 549 9.68 -45.12 -22.23
N LYS A 550 10.38 -44.61 -23.24
CA LYS A 550 10.97 -45.50 -24.22
C LYS A 550 12.11 -46.31 -23.61
N ARG A 551 12.64 -45.82 -22.49
CA ARG A 551 13.70 -46.52 -21.78
C ARG A 551 13.16 -47.46 -20.72
N ASP A 552 12.07 -47.06 -20.07
CA ASP A 552 11.65 -47.71 -18.82
C ASP A 552 10.34 -48.51 -18.85
N LEU A 553 9.46 -48.22 -19.78
CA LEU A 553 8.18 -48.93 -19.79
C LEU A 553 8.38 -50.41 -20.08
N PRO A 554 7.52 -51.26 -19.48
CA PRO A 554 7.49 -52.67 -19.85
C PRO A 554 7.22 -52.80 -21.35
N PRO A 555 7.62 -53.93 -21.95
CA PRO A 555 7.58 -54.08 -23.40
C PRO A 555 6.22 -53.86 -24.04
N ASP A 556 5.12 -54.32 -23.45
CA ASP A 556 3.81 -54.09 -24.07
C ASP A 556 3.48 -52.61 -24.11
N ARG A 558 5.68 -50.15 -24.01
CA ARG A 558 6.59 -49.51 -24.97
C ARG A 558 6.05 -49.65 -26.40
N SER A 559 5.48 -50.81 -26.73
CA SER A 559 4.95 -51.00 -28.08
C SER A 559 3.79 -50.05 -28.37
N VAL A 560 3.01 -49.72 -27.33
CA VAL A 560 1.91 -48.76 -27.48
C VAL A 560 2.43 -47.35 -27.79
N ILE A 561 3.39 -46.86 -27.03
CA ILE A 561 3.94 -45.54 -27.39
C ILE A 561 4.74 -45.56 -28.71
N ASP A 562 5.31 -46.70 -29.07
CA ASP A 562 6.04 -46.84 -30.34
C ASP A 562 5.04 -46.74 -31.48
N THR A 563 3.81 -47.21 -31.27
CA THR A 563 2.82 -47.14 -32.35
C THR A 563 2.18 -45.76 -32.50
N LEU A 564 1.97 -45.06 -31.39
CA LEU A 564 1.26 -43.80 -31.39
C LEU A 564 2.17 -42.60 -31.69
N TYR A 565 3.46 -42.77 -31.40
CA TYR A 565 4.43 -41.67 -31.47
C TYR A 565 5.66 -42.04 -32.26
N ASP A 566 6.34 -41.03 -32.80
CA ASP A 566 7.62 -41.24 -33.44
C ASP A 566 8.69 -41.14 -32.33
N LEU A 567 9.19 -42.27 -31.85
CA LEU A 567 10.05 -42.19 -30.68
C LEU A 567 11.42 -41.57 -30.98
N GLU A 568 11.79 -41.49 -32.26
CA GLU A 568 13.03 -40.79 -32.59
C GLU A 568 12.92 -39.29 -32.28
N GLU A 569 11.70 -38.79 -32.11
CA GLU A 569 11.46 -37.38 -31.76
C GLU A 569 11.43 -37.16 -30.26
N ALA A 570 11.67 -38.19 -29.48
CA ALA A 570 11.74 -38.04 -28.03
C ALA A 570 13.21 -37.80 -27.69
N VAL A 571 13.60 -36.53 -27.68
CA VAL A 571 14.97 -36.10 -27.41
C VAL A 571 14.95 -35.05 -26.30
N PRO A 572 16.10 -34.77 -25.62
CA PRO A 572 16.02 -33.79 -24.53
C PRO A 572 16.16 -32.36 -24.99
N ASP A 573 16.41 -32.13 -26.28
CA ASP A 573 16.53 -30.76 -26.76
C ASP A 573 15.29 -29.97 -26.39
N THR A 574 15.48 -28.75 -25.91
CA THR A 574 14.36 -27.87 -25.58
C THR A 574 14.70 -26.44 -25.99
N GLY A 575 13.74 -25.54 -25.90
CA GLY A 575 14.02 -24.12 -26.04
C GLY A 575 14.90 -23.63 -24.91
N HIS A 576 15.47 -22.44 -25.07
CA HIS A 576 16.33 -21.91 -24.02
C HIS A 576 15.54 -21.15 -22.97
N ILE A 577 16.06 -21.14 -21.76
CA ILE A 577 15.55 -20.29 -20.69
C ILE A 577 16.02 -18.86 -20.93
N PRO A 578 15.09 -17.89 -20.99
CA PRO A 578 15.52 -16.52 -21.32
C PRO A 578 16.60 -15.98 -20.36
N GLY A 579 16.51 -16.32 -19.08
CA GLY A 579 17.48 -15.85 -18.10
C GLY A 579 18.88 -16.44 -18.21
N GLU A 580 19.08 -17.43 -19.07
CA GLU A 580 20.39 -18.05 -19.21
C GLU A 580 21.10 -17.55 -20.46
N HIS A 582 22.66 -14.91 -21.12
CA HIS A 582 23.94 -14.26 -20.89
C HIS A 582 25.12 -15.23 -20.91
N GLY A 583 24.85 -16.53 -20.82
CA GLY A 583 25.90 -17.52 -20.95
C GLY A 583 26.41 -17.61 -22.38
N LYS A 584 27.64 -18.10 -22.54
CA LYS A 584 28.20 -18.36 -23.84
C LYS A 584 27.98 -19.82 -24.20
N TRP A 585 26.88 -20.09 -24.90
CA TRP A 585 26.50 -21.46 -25.22
C TRP A 585 27.05 -21.94 -26.54
N GLU A 586 27.43 -23.21 -26.59
CA GLU A 586 27.85 -23.81 -27.85
C GLU A 586 26.72 -23.79 -28.87
N ASN A 587 25.49 -24.06 -28.43
CA ASN A 587 24.31 -23.83 -29.27
C ASN A 587 23.45 -22.79 -28.57
N LYS A 588 23.43 -21.56 -29.08
CA LYS A 588 22.67 -20.51 -28.41
C LYS A 588 21.24 -20.38 -28.98
N GLU A 589 20.95 -21.15 -30.01
CA GLU A 589 19.63 -21.13 -30.63
C GLU A 589 18.59 -21.95 -29.85
N TRP A 590 19.03 -23.08 -29.32
CA TRP A 590 18.18 -23.85 -28.38
C TRP A 590 19.07 -24.62 -27.45
N CYS A 591 18.44 -25.19 -26.44
CA CYS A 591 19.19 -25.93 -25.41
C CYS A 591 19.39 -27.38 -25.87
N GLU A 592 20.59 -27.67 -26.34
CA GLU A 592 20.89 -28.91 -27.01
C GLU A 592 21.12 -30.06 -26.03
N HIS A 593 21.27 -31.24 -26.59
CA HIS A 593 21.86 -32.37 -25.89
C HIS A 593 22.72 -33.20 -26.84
N LYS A 594 24.04 -33.15 -26.66
CA LYS A 594 24.94 -33.87 -27.53
C LYS A 594 24.95 -35.35 -27.08
N GLY A 595 24.49 -36.24 -27.94
CA GLY A 595 24.19 -37.60 -27.49
C GLY A 595 25.12 -38.67 -27.99
N LYS A 596 26.40 -38.34 -28.18
CA LYS A 596 27.36 -39.33 -28.64
C LYS A 596 28.38 -39.79 -27.59
N ASP A 597 28.11 -40.95 -27.00
CA ASP A 597 29.00 -41.64 -26.08
C ASP A 597 28.38 -42.97 -25.67
N TYR B 2 17.14 16.67 -10.57
CA TYR B 2 15.91 16.66 -11.36
C TYR B 2 14.70 16.66 -10.47
N LYS B 4 11.99 18.05 -8.12
CA LYS B 4 11.28 19.31 -7.94
C LYS B 4 10.56 19.26 -6.61
N PHE B 5 10.44 20.41 -5.95
CA PHE B 5 9.77 20.47 -4.67
C PHE B 5 8.68 21.52 -4.69
N THR B 6 7.62 21.30 -3.92
CA THR B 6 6.61 22.34 -3.72
C THR B 6 5.84 22.13 -2.43
N TYR B 7 5.27 23.22 -1.92
CA TYR B 7 4.44 23.16 -0.73
C TYR B 7 3.07 23.70 -1.09
N HIS B 8 2.04 23.19 -0.42
CA HIS B 8 0.72 23.78 -0.51
C HIS B 8 0.26 24.21 0.86
N PHE B 9 -0.33 25.40 0.93
CA PHE B 9 -0.87 25.90 2.19
C PHE B 9 -2.38 26.10 2.10
N HIS B 10 -3.09 25.58 3.10
CA HIS B 10 -4.53 25.72 3.17
C HIS B 10 -4.91 26.73 4.23
N ALA B 11 -5.54 27.82 3.80
CA ALA B 11 -5.92 28.88 4.72
C ALA B 11 -7.43 28.87 5.01
N TYR B 12 -7.78 28.78 6.29
CA TYR B 12 -9.18 28.74 6.70
C TYR B 12 -9.40 29.18 8.15
N GLN B 13 -10.40 30.03 8.35
CA GLN B 13 -10.88 30.35 9.69
C GLN B 13 -12.40 30.15 9.75
N PRO B 14 -12.87 29.39 10.75
CA PRO B 14 -14.31 29.17 10.89
C PRO B 14 -15.01 30.46 11.32
N GLY B 15 -14.24 31.38 11.91
CA GLY B 15 -14.80 32.65 12.34
C GLY B 15 -15.25 32.59 13.78
N ASP B 16 -15.70 33.73 14.31
CA ASP B 16 -16.15 33.80 15.70
C ASP B 16 -17.59 34.29 15.82
N ILE B 17 -18.41 33.98 14.83
CA ILE B 17 -19.82 34.33 14.83
C ILE B 17 -20.56 33.62 15.96
N ILE B 18 -21.19 34.39 16.84
CA ILE B 18 -21.99 33.80 17.93
C ILE B 18 -23.48 34.10 17.76
N TYR B 19 -23.78 35.14 16.99
CA TYR B 19 -25.17 35.51 16.70
C TYR B 19 -25.26 36.27 15.39
N VAL B 20 -26.05 35.73 14.45
CA VAL B 20 -26.27 36.38 13.17
C VAL B 20 -27.40 37.38 13.33
N HIS B 21 -27.22 38.58 12.79
CA HIS B 21 -28.23 39.64 12.90
C HIS B 21 -29.32 39.46 11.86
N ASP B 22 -30.52 39.92 12.19
CA ASP B 22 -31.62 39.95 11.23
C ASP B 22 -31.20 40.71 9.98
N GLY B 23 -31.72 40.29 8.84
CA GLY B 23 -31.37 40.90 7.57
C GLY B 23 -32.41 40.55 6.54
N SER B 24 -32.35 41.24 5.39
CA SER B 24 -33.33 41.06 4.33
C SER B 24 -32.89 39.95 3.40
N GLY B 25 -31.60 39.68 3.37
CA GLY B 25 -31.05 38.69 2.46
C GLY B 25 -30.63 39.33 1.15
N TRP B 26 -30.72 40.66 1.09
CA TRP B 26 -30.31 41.42 -0.09
C TRP B 26 -28.83 41.76 0.00
N ASP B 27 -28.29 41.71 1.22
CA ASP B 27 -26.90 42.07 1.47
C ASP B 27 -26.17 40.89 2.11
N PRO B 28 -24.82 40.93 2.09
CA PRO B 28 -24.01 40.05 2.94
C PRO B 28 -24.51 40.06 4.38
N ILE B 29 -24.27 38.99 5.13
CA ILE B 29 -24.78 38.90 6.49
C ILE B 29 -23.99 39.79 7.43
N LYS B 30 -24.63 40.17 8.53
CA LYS B 30 -24.01 40.91 9.61
C LYS B 30 -24.22 40.11 10.87
N TYR B 31 -23.26 40.18 11.80
CA TYR B 31 -23.26 39.30 12.95
C TYR B 31 -22.47 39.88 14.11
N SER B 32 -22.68 39.32 15.30
CA SER B 32 -21.87 39.65 16.46
C SER B 32 -20.80 38.57 16.64
N GLU B 33 -19.64 38.96 17.13
CA GLU B 33 -18.54 38.01 17.28
C GLU B 33 -18.24 37.70 18.74
N ARG B 34 -17.43 36.67 18.95
CA ARG B 34 -16.96 36.33 20.27
C ARG B 34 -15.92 37.35 20.71
N LEU B 35 -15.91 37.63 22.01
CA LEU B 35 -14.87 38.45 22.61
C LEU B 35 -14.12 37.56 23.59
N SER B 36 -12.99 37.06 23.13
CA SER B 36 -12.15 36.15 23.90
C SER B 36 -10.73 36.50 23.51
N PRO B 37 -10.27 37.68 23.93
CA PRO B 37 -9.04 38.27 23.41
C PRO B 37 -7.87 37.31 23.52
N VAL B 38 -7.00 37.35 22.52
CA VAL B 38 -5.96 36.35 22.39
C VAL B 38 -4.81 36.93 21.57
N ALA B 39 -3.62 36.37 21.74
CA ALA B 39 -2.48 36.83 20.97
C ALA B 39 -1.60 35.69 20.49
N LEU B 40 -0.90 35.93 19.39
CA LEU B 40 0.01 34.96 18.80
C LEU B 40 1.38 35.62 18.69
N GLU B 41 2.41 34.98 19.23
CA GLU B 41 3.75 35.51 19.08
C GLU B 41 4.29 35.14 17.70
N ILE B 42 4.74 36.14 16.95
CA ILE B 42 5.37 35.90 15.66
C ILE B 42 6.75 36.50 15.48
N ARG B 43 7.78 35.66 15.59
CA ARG B 43 9.17 36.06 15.82
C ARG B 43 8.88 36.92 17.03
N GLU B 44 9.21 38.20 16.87
CA GLU B 44 9.34 39.19 17.93
C GLU B 44 8.38 40.35 18.12
N GLU B 45 7.21 40.21 17.53
CA GLU B 45 5.90 40.79 17.80
C GLU B 45 4.71 39.95 18.28
N GLU B 46 4.00 40.47 19.27
CA GLU B 46 2.84 39.77 19.79
C GLU B 46 1.76 40.35 18.88
N VAL B 47 0.91 39.51 18.33
CA VAL B 47 -0.15 39.97 17.43
C VAL B 47 -1.43 39.73 18.21
N LYS B 48 -2.16 40.80 18.51
CA LYS B 48 -3.35 40.72 19.34
C LYS B 48 -4.65 40.78 18.54
N GLY B 49 -5.66 40.07 19.02
CA GLY B 49 -6.97 40.10 18.42
C GLY B 49 -8.04 40.04 19.48
N ARG B 50 -9.22 40.58 19.16
CA ARG B 50 -10.36 40.55 20.06
C ARG B 50 -10.85 39.11 20.21
N ASN B 51 -10.55 38.31 19.19
CA ASN B 51 -10.81 36.87 19.22
C ASN B 51 -9.82 36.17 18.30
N TRP B 52 -9.88 34.83 18.25
CA TRP B 52 -8.95 34.05 17.45
C TRP B 52 -8.89 34.48 15.98
N THR B 53 -10.06 34.67 15.38
CA THR B 53 -10.18 35.02 13.96
C THR B 53 -9.44 36.30 13.58
N ARG B 54 -9.64 37.35 14.37
CA ARG B 54 -9.05 38.66 14.06
C ARG B 54 -7.53 38.66 14.27
N ALA B 55 -7.08 37.96 15.31
CA ALA B 55 -5.65 37.79 15.54
C ALA B 55 -5.01 37.13 14.33
N ILE B 57 -6.17 36.90 11.16
CA ILE B 57 -6.25 37.74 9.96
C ILE B 57 -5.10 38.75 9.95
N LYS B 58 -4.78 39.31 11.11
CA LYS B 58 -3.60 40.15 11.23
C LYS B 58 -2.36 39.34 10.91
N ALA B 59 -2.28 38.13 11.49
CA ALA B 59 -1.15 37.23 11.29
C ALA B 59 -0.92 36.88 9.81
N TYR B 60 -2.00 36.79 9.04
CA TYR B 60 -1.91 36.51 7.61
C TYR B 60 -1.01 37.48 6.87
N GLU B 61 -0.78 38.65 7.48
CA GLU B 61 0.04 39.68 6.85
C GLU B 61 1.52 39.32 6.97
N TYR B 62 1.94 38.89 8.16
CA TYR B 62 3.28 38.37 8.37
C TYR B 62 3.54 37.17 7.47
N VAL B 63 2.50 36.36 7.26
CA VAL B 63 2.58 35.21 6.38
C VAL B 63 2.73 35.64 4.92
N ASP B 64 1.94 36.63 4.49
CA ASP B 64 2.01 37.10 3.12
C ASP B 64 3.37 37.73 2.79
N GLU B 65 3.97 38.41 3.77
CA GLU B 65 5.31 38.97 3.60
C GLU B 65 6.31 37.85 3.32
N THR B 66 6.25 36.79 4.12
CA THR B 66 7.13 35.63 3.98
C THR B 66 6.95 34.96 2.62
N LEU B 67 5.70 34.72 2.23
CA LEU B 67 5.39 34.15 0.91
C LEU B 67 5.94 35.01 -0.22
N ARG B 68 6.05 36.31 0.04
CA ARG B 68 6.51 37.25 -0.98
C ARG B 68 8.01 37.17 -1.23
N LEU B 70 9.59 34.29 -1.32
CA LEU B 70 9.80 33.08 -2.09
C LEU B 70 9.78 33.45 -3.56
N ASP B 71 10.32 32.59 -4.42
CA ASP B 71 10.28 32.84 -5.85
C ASP B 71 8.84 32.78 -6.33
N GLU B 72 8.60 33.34 -7.51
CA GLU B 72 7.31 33.29 -8.16
C GLU B 72 6.99 31.87 -8.63
N GLY B 73 5.78 31.41 -8.38
CA GLY B 73 5.33 30.10 -8.85
C GLY B 73 5.75 28.93 -7.97
N ALA B 74 6.46 29.23 -6.89
CA ALA B 74 7.04 28.20 -6.04
C ALA B 74 6.04 27.34 -5.26
N VAL B 75 5.12 27.98 -4.55
CA VAL B 75 4.11 27.26 -3.78
C VAL B 75 2.70 27.49 -4.31
N SER B 76 1.73 26.79 -3.73
CA SER B 76 0.33 27.05 -4.01
C SER B 76 -0.40 27.32 -2.70
N VAL B 77 -1.47 28.11 -2.77
CA VAL B 77 -2.26 28.44 -1.58
C VAL B 77 -3.74 28.43 -1.93
N ASP B 78 -4.56 27.88 -1.05
CA ASP B 78 -6.01 28.04 -1.18
C ASP B 78 -6.52 28.82 0.03
N PHE B 79 -7.42 29.78 -0.23
CA PHE B 79 -8.11 30.46 0.84
C PHE B 79 -9.57 30.04 0.77
N GLU B 80 -10.11 29.57 1.89
CA GLU B 80 -11.53 29.29 1.98
C GLU B 80 -12.25 30.63 1.75
N PRO B 81 -13.25 30.64 0.85
CA PRO B 81 -13.97 31.86 0.42
C PRO B 81 -14.37 32.81 1.55
N PHE B 82 -15.09 32.32 2.56
CA PHE B 82 -15.56 33.17 3.64
C PHE B 82 -14.41 33.76 4.45
N THR B 83 -13.33 32.97 4.58
CA THR B 83 -12.14 33.44 5.27
C THR B 83 -11.49 34.62 4.55
N LEU B 84 -11.38 34.52 3.23
CA LEU B 84 -10.79 35.60 2.45
C LEU B 84 -11.70 36.84 2.49
N TYR B 85 -13.01 36.59 2.48
CA TYR B 85 -13.99 37.67 2.55
C TYR B 85 -13.89 38.41 3.87
N VAL B 87 -11.36 38.73 5.68
CA VAL B 87 -10.14 39.53 5.66
C VAL B 87 -10.41 40.87 4.95
N LEU B 88 -11.13 40.81 3.84
CA LEU B 88 -11.55 42.02 3.13
C LEU B 88 -12.36 42.94 4.04
N LYS B 89 -13.23 42.36 4.85
CA LYS B 89 -14.10 43.13 5.74
C LYS B 89 -13.35 43.75 6.91
N TYR B 90 -12.45 42.98 7.51
CA TYR B 90 -11.78 43.38 8.73
C TYR B 90 -10.45 44.12 8.48
N LYS B 91 -9.73 43.70 7.45
CA LYS B 91 -8.45 44.30 7.11
C LYS B 91 -8.24 44.37 5.60
N PRO B 92 -8.98 45.26 4.92
CA PRO B 92 -8.97 45.40 3.46
C PRO B 92 -7.58 45.62 2.86
N LYS B 93 -6.64 46.11 3.67
CA LYS B 93 -5.27 46.27 3.23
C LYS B 93 -4.64 44.90 2.94
N ILE B 94 -4.76 44.00 3.92
CA ILE B 94 -4.22 42.65 3.83
C ILE B 94 -4.87 41.86 2.69
N TYR B 95 -6.16 42.07 2.48
CA TYR B 95 -6.87 41.45 1.36
C TYR B 95 -6.22 41.83 0.04
N GLY B 96 -5.83 43.09 -0.09
CA GLY B 96 -5.19 43.57 -1.30
C GLY B 96 -3.82 42.96 -1.49
N GLU B 97 -3.08 42.82 -0.40
CA GLU B 97 -1.78 42.17 -0.42
C GLU B 97 -1.94 40.68 -0.79
N ILE B 98 -2.77 39.98 -0.03
CA ILE B 98 -3.08 38.58 -0.29
C ILE B 98 -3.55 38.34 -1.72
N VAL B 99 -4.51 39.16 -2.17
CA VAL B 99 -5.06 39.03 -3.51
C VAL B 99 -4.01 39.24 -4.61
N GLU B 100 -3.10 40.19 -4.41
CA GLU B 100 -2.03 40.41 -5.40
C GLU B 100 -1.12 39.19 -5.50
N THR B 101 -0.74 38.62 -4.36
CA THR B 101 0.14 37.46 -4.34
C THR B 101 -0.48 36.24 -5.03
N LEU B 102 -1.79 36.09 -4.91
CA LEU B 102 -2.51 34.98 -5.55
C LEU B 102 -2.69 35.19 -7.04
N GLU B 103 -2.63 36.45 -7.47
CA GLU B 103 -2.77 36.76 -8.88
C GLU B 103 -1.45 36.56 -9.60
N THR B 104 -0.34 36.81 -8.89
CA THR B 104 0.96 36.93 -9.54
C THR B 104 2.10 36.12 -8.91
N HIS B 105 2.04 35.82 -7.62
CA HIS B 105 3.20 35.21 -6.94
C HIS B 105 3.07 33.71 -6.64
N VAL B 106 1.98 33.31 -6.01
CA VAL B 106 1.73 31.90 -5.74
C VAL B 106 0.61 31.38 -6.64
N GLU B 107 0.60 30.08 -6.90
CA GLU B 107 -0.49 29.49 -7.66
C GLU B 107 -1.73 29.39 -6.77
N PRO B 108 -2.86 29.96 -7.23
CA PRO B 108 -4.10 29.92 -6.44
C PRO B 108 -4.84 28.60 -6.59
N THR B 109 -5.28 28.03 -5.48
CA THR B 109 -5.99 26.76 -5.47
C THR B 109 -7.45 26.96 -5.09
N VAL B 110 -8.36 26.41 -5.88
CA VAL B 110 -9.80 26.51 -5.61
C VAL B 110 -10.17 25.67 -4.39
N THR B 111 -11.00 26.23 -3.51
CA THR B 111 -11.58 25.42 -2.42
C THR B 111 -13.04 25.77 -2.13
N VAL B 112 -13.63 24.99 -1.23
CA VAL B 112 -15.05 25.01 -0.94
C VAL B 112 -15.42 26.02 0.15
N PRO B 113 -16.47 26.82 -0.11
CA PRO B 113 -17.02 27.72 0.92
C PRO B 113 -17.47 26.93 2.15
N PHE B 114 -17.07 27.43 3.33
CA PHE B 114 -17.56 26.93 4.62
C PHE B 114 -16.96 25.58 5.06
N HIS B 115 -15.99 25.08 4.30
CA HIS B 115 -15.15 23.95 4.73
C HIS B 115 -15.92 22.77 5.36
N PRO B 116 -16.93 22.22 4.66
CA PRO B 116 -17.63 21.07 5.22
C PRO B 116 -16.90 19.79 4.81
N ILE B 117 -17.18 18.66 5.45
CA ILE B 117 -16.71 17.40 4.88
C ILE B 117 -17.66 17.08 3.73
N PRO B 119 -18.05 14.66 1.34
CA PRO B 119 -18.79 13.38 1.29
C PRO B 119 -19.78 13.19 2.46
N HIS B 120 -19.84 14.12 3.41
CA HIS B 120 -20.83 14.02 4.47
C HIS B 120 -22.01 14.94 4.22
N LEU B 121 -22.08 15.49 3.00
CA LEU B 121 -23.20 16.31 2.57
C LEU B 121 -23.98 15.63 1.44
N SER B 122 -25.26 15.97 1.30
CA SER B 122 -26.05 15.49 0.17
C SER B 122 -25.46 15.98 -1.15
N HIS B 123 -25.79 15.29 -2.25
CA HIS B 123 -25.25 15.67 -3.54
C HIS B 123 -25.74 17.07 -3.95
N PHE B 124 -26.96 17.40 -3.53
CA PHE B 124 -27.50 18.72 -3.84
C PHE B 124 -26.60 19.81 -3.28
N GLU B 125 -26.33 19.77 -1.97
CA GLU B 125 -25.46 20.75 -1.34
C GLU B 125 -24.06 20.75 -1.94
N GLN B 126 -23.52 19.56 -2.23
CA GLN B 126 -22.20 19.48 -2.84
C GLN B 126 -22.13 20.16 -4.19
N GLU B 127 -23.17 20.03 -4.99
CA GLU B 127 -23.16 20.66 -6.31
C GLU B 127 -23.14 22.19 -6.22
N ILE B 128 -23.99 22.74 -5.36
CA ILE B 128 -24.01 24.19 -5.15
C ILE B 128 -22.62 24.66 -4.74
N LEU B 129 -22.10 24.07 -3.66
CA LEU B 129 -20.80 24.43 -3.13
C LEU B 129 -19.65 24.31 -4.15
N SER B 130 -19.73 23.32 -5.03
CA SER B 130 -18.69 23.14 -6.04
C SER B 130 -18.72 24.25 -7.08
N LYS B 131 -19.90 24.57 -7.60
CA LYS B 131 -20.05 25.65 -8.56
C LYS B 131 -19.65 27.01 -7.98
N VAL B 132 -20.06 27.25 -6.73
CA VAL B 132 -19.69 28.47 -6.03
C VAL B 132 -18.17 28.59 -5.89
N SER B 133 -17.52 27.45 -5.61
CA SER B 133 -16.06 27.40 -5.46
C SER B 133 -15.38 28.00 -6.68
N PHE B 134 -15.75 27.53 -7.86
CA PHE B 134 -15.16 28.01 -9.10
C PHE B 134 -15.59 29.44 -9.44
N ASP B 135 -16.82 29.78 -9.09
CA ASP B 135 -17.32 31.15 -9.27
C ASP B 135 -16.51 32.13 -8.43
N PHE B 136 -16.42 31.87 -7.13
CA PHE B 136 -15.64 32.71 -6.22
C PHE B 136 -14.19 32.87 -6.67
N TYR B 137 -13.63 31.83 -7.28
CA TYR B 137 -12.21 31.86 -7.64
C TYR B 137 -11.91 32.43 -9.04
N LEU B 138 -12.96 32.78 -9.78
CA LEU B 138 -12.80 33.26 -11.15
C LEU B 138 -11.78 34.39 -11.40
N PRO B 139 -11.67 35.37 -10.48
CA PRO B 139 -10.64 36.39 -10.73
C PRO B 139 -9.20 35.88 -10.62
N PHE B 140 -9.00 34.69 -10.05
CA PHE B 140 -7.67 34.14 -9.88
C PHE B 140 -7.34 33.07 -10.92
N ILE B 141 -8.39 32.46 -11.47
CA ILE B 141 -8.23 31.28 -12.32
C ILE B 141 -8.86 31.41 -13.70
N ALA B 142 -9.39 32.60 -14.02
CA ALA B 142 -10.16 32.81 -15.26
C ALA B 142 -9.57 32.18 -16.52
N ARG B 143 -8.32 32.50 -16.83
CA ARG B 143 -7.69 31.98 -18.04
C ARG B 143 -6.64 30.90 -17.75
N LYS B 144 -7.03 29.87 -17.00
CA LYS B 144 -6.17 28.73 -16.70
C LYS B 144 -6.90 27.43 -17.01
N PRO B 145 -6.42 26.66 -17.99
CA PRO B 145 -7.08 25.39 -18.34
C PRO B 145 -6.87 24.31 -17.26
N ILE B 146 -5.85 24.48 -16.43
CA ILE B 146 -5.60 23.56 -15.33
C ILE B 146 -5.56 24.28 -13.99
N VAL B 147 -6.27 23.73 -13.01
CA VAL B 147 -6.38 24.35 -11.69
C VAL B 147 -6.35 23.31 -10.58
N SER B 148 -5.67 23.63 -9.48
CA SER B 148 -5.65 22.74 -8.33
C SER B 148 -6.88 22.96 -7.46
N PHE B 149 -7.33 21.92 -6.77
CA PHE B 149 -8.54 21.99 -5.96
C PHE B 149 -8.32 21.37 -4.58
N TRP B 150 -8.80 22.04 -3.56
CA TRP B 150 -8.62 21.57 -2.19
C TRP B 150 -9.94 21.15 -1.54
N LEU B 151 -10.14 19.86 -1.42
CA LEU B 151 -11.25 19.33 -0.65
C LEU B 151 -10.92 19.47 0.83
N PRO B 152 -11.88 19.97 1.63
CA PRO B 152 -11.69 20.13 3.07
C PRO B 152 -11.25 18.82 3.72
N GLU B 153 -10.12 18.86 4.43
CA GLU B 153 -9.49 17.70 5.07
C GLU B 153 -9.11 16.63 4.05
N ASN B 154 -9.10 17.02 2.78
CA ASN B 154 -8.87 16.10 1.66
C ASN B 154 -9.78 14.87 1.66
N VAL B 155 -10.91 14.96 2.37
CA VAL B 155 -11.87 13.85 2.42
C VAL B 155 -12.59 13.74 1.08
N ILE B 156 -12.31 12.66 0.36
CA ILE B 156 -12.76 12.52 -1.02
C ILE B 156 -13.44 11.17 -1.20
N THR B 157 -14.45 11.13 -2.06
CA THR B 157 -14.98 9.89 -2.59
C THR B 157 -15.07 10.03 -4.09
N LYS B 158 -15.41 8.94 -4.77
CA LYS B 158 -15.52 8.97 -6.21
C LYS B 158 -16.68 9.86 -6.64
N ASP B 159 -17.79 9.76 -5.92
CA ASP B 159 -18.98 10.57 -6.21
C ASP B 159 -18.69 12.08 -6.06
N THR B 160 -18.02 12.43 -4.96
CA THR B 160 -17.66 13.82 -4.69
C THR B 160 -16.71 14.39 -5.74
N ALA B 161 -15.72 13.60 -6.16
CA ALA B 161 -14.77 14.06 -7.17
C ALA B 161 -15.46 14.33 -8.51
N LYS B 162 -16.51 13.58 -8.78
CA LYS B 162 -17.27 13.72 -10.02
C LYS B 162 -18.03 15.03 -10.01
N ILE B 163 -18.75 15.28 -8.91
CA ILE B 163 -19.48 16.52 -8.70
C ILE B 163 -18.55 17.71 -8.92
N VAL B 164 -17.42 17.72 -8.22
CA VAL B 164 -16.41 18.76 -8.36
C VAL B 164 -15.94 18.96 -9.80
N THR B 165 -15.50 17.86 -10.44
CA THR B 165 -14.97 17.95 -11.80
C THR B 165 -16.04 18.35 -12.83
N SER B 166 -17.30 18.04 -12.52
CA SER B 166 -18.41 18.42 -13.40
C SER B 166 -18.76 19.90 -13.29
N ALA B 167 -18.41 20.51 -12.15
CA ALA B 167 -18.73 21.91 -11.89
C ALA B 167 -17.79 22.87 -12.63
N THR B 168 -16.82 22.31 -13.36
CA THR B 168 -15.88 23.13 -14.13
C THR B 168 -15.54 22.52 -15.49
N ASP B 169 -15.02 23.37 -16.37
CA ASP B 169 -14.59 22.95 -17.70
C ASP B 169 -13.10 22.64 -17.69
N LYS B 170 -12.41 23.23 -16.74
CA LYS B 170 -10.95 23.14 -16.65
C LYS B 170 -10.50 21.76 -16.19
N ASP B 171 -9.19 21.54 -16.28
CA ASP B 171 -8.61 20.31 -15.76
C ASP B 171 -8.27 20.47 -14.29
N VAL B 172 -8.75 19.52 -13.48
CA VAL B 172 -8.64 19.62 -12.03
C VAL B 172 -7.45 18.80 -11.50
N VAL B 173 -6.66 19.42 -10.62
CA VAL B 173 -5.64 18.72 -9.87
C VAL B 173 -6.10 18.59 -8.42
N PHE B 174 -6.47 17.38 -8.00
CA PHE B 174 -6.81 17.16 -6.60
C PHE B 174 -5.56 17.05 -5.75
N LEU B 175 -5.47 17.86 -4.69
CA LEU B 175 -4.35 17.79 -3.77
C LEU B 175 -4.78 16.93 -2.60
N LEU B 176 -4.05 15.82 -2.39
CA LEU B 176 -4.43 14.83 -1.39
C LEU B 176 -3.23 14.39 -0.54
N ASP B 177 -3.40 13.30 0.20
CA ASP B 177 -2.34 12.74 1.03
C ASP B 177 -2.00 11.36 0.44
N GLU B 178 -0.71 11.02 0.33
CA GLU B 178 -0.32 9.76 -0.32
C GLU B 178 -0.88 8.53 0.39
N ARG B 179 -1.29 8.68 1.64
CA ARG B 179 -1.93 7.62 2.39
C ARG B 179 -3.36 7.36 1.91
N GLN B 180 -3.79 8.08 0.87
CA GLN B 180 -5.13 7.89 0.32
C GLN B 180 -5.05 7.03 -0.94
N PHE B 181 -3.84 6.85 -1.46
CA PHE B 181 -3.63 6.08 -2.69
C PHE B 181 -3.93 4.60 -2.49
N ILE B 182 -4.42 3.97 -3.54
CA ILE B 182 -4.77 2.56 -3.51
C ILE B 182 -4.63 2.03 -4.93
N GLY B 183 -4.39 0.73 -5.08
CA GLY B 183 -4.15 0.17 -6.41
C GLY B 183 -2.72 0.34 -6.87
N VAL B 184 -1.92 1.08 -6.08
CA VAL B 184 -0.49 1.25 -6.32
C VAL B 184 0.13 1.32 -4.93
N ASN B 185 1.40 0.96 -4.79
CA ASN B 185 2.06 1.21 -3.50
C ASN B 185 2.73 2.59 -3.50
N ILE B 186 3.05 3.10 -2.32
CA ILE B 186 3.54 4.46 -2.19
C ILE B 186 4.83 4.76 -3.01
N PRO B 187 5.93 4.01 -2.80
CA PRO B 187 7.13 4.27 -3.62
C PRO B 187 6.90 4.11 -5.13
N GLN B 188 5.96 3.24 -5.50
CA GLN B 188 5.65 2.99 -6.92
C GLN B 188 5.08 4.25 -7.59
N ALA B 189 4.13 4.89 -6.93
CA ALA B 189 3.42 6.03 -7.51
C ALA B 189 4.13 7.35 -7.23
N ARG B 190 5.08 7.33 -6.29
CA ARG B 190 5.63 8.56 -5.72
C ARG B 190 6.26 9.54 -6.70
N PHE B 191 5.83 10.80 -6.56
CA PHE B 191 6.49 11.94 -7.20
C PHE B 191 6.26 12.03 -8.71
N SER B 192 5.47 11.11 -9.25
CA SER B 192 5.13 11.14 -10.67
C SER B 192 3.83 11.90 -10.90
N CYS B 193 3.62 12.34 -12.14
CA CYS B 193 2.39 13.01 -12.51
C CYS B 193 1.30 11.96 -12.73
N ASN B 194 0.57 11.65 -11.67
CA ASN B 194 -0.49 10.65 -11.75
C ASN B 194 -1.83 11.28 -12.12
N LYS B 195 -2.74 10.43 -12.60
CA LYS B 195 -4.09 10.87 -12.87
C LYS B 195 -5.10 9.98 -12.16
N TYR B 196 -6.35 10.38 -12.16
CA TYR B 196 -7.38 9.74 -11.37
C TYR B 196 -8.69 9.90 -12.14
N LEU B 197 -9.24 8.78 -12.61
CA LEU B 197 -10.50 8.84 -13.34
C LEU B 197 -11.62 9.29 -12.41
N CYS B 198 -12.31 10.36 -12.79
CA CYS B 198 -13.45 10.85 -12.03
C CYS B 198 -14.75 10.51 -12.74
N ASP B 199 -14.80 9.32 -13.35
CA ASP B 199 -15.99 8.80 -14.03
C ASP B 199 -16.59 9.76 -15.06
N GLY B 200 -15.91 9.90 -16.19
CA GLY B 200 -16.34 10.80 -17.25
C GLY B 200 -15.19 11.71 -17.61
N LYS B 201 -14.69 12.40 -16.60
CA LYS B 201 -13.46 13.17 -16.73
C LYS B 201 -12.39 12.48 -15.91
N SER B 202 -11.15 12.90 -16.09
CA SER B 202 -10.06 12.44 -15.25
C SER B 202 -9.36 13.65 -14.66
N ALA B 203 -8.93 13.51 -13.41
CA ALA B 203 -8.19 14.59 -12.75
C ALA B 203 -6.75 14.17 -12.52
N PHE B 204 -5.87 15.16 -12.43
CA PHE B 204 -4.53 14.90 -11.93
C PHE B 204 -4.65 14.75 -10.42
N VAL B 205 -3.66 14.09 -9.81
CA VAL B 205 -3.63 13.89 -8.37
C VAL B 205 -2.22 13.94 -7.84
N PHE B 206 -2.01 14.69 -6.76
CA PHE B 206 -0.77 14.61 -6.01
C PHE B 206 -1.09 14.31 -4.55
N GLY B 207 -0.24 13.50 -3.92
CA GLY B 207 -0.44 13.12 -2.54
C GLY B 207 0.75 13.58 -1.72
N ARG B 208 0.47 14.33 -0.66
CA ARG B 208 1.54 14.87 0.17
C ARG B 208 2.20 13.75 0.97
N ILE B 209 3.39 14.02 1.48
CA ILE B 209 4.01 13.16 2.47
C ILE B 209 3.73 13.69 3.87
N HIS B 210 2.85 12.99 4.59
CA HIS B 210 2.38 13.38 5.92
C HIS B 210 3.50 13.62 6.94
N TYR B 211 4.46 12.70 7.00
CA TYR B 211 5.42 12.77 8.08
C TYR B 211 6.42 13.94 7.95
N ILE B 212 6.78 14.32 6.71
CA ILE B 212 7.67 15.46 6.52
C ILE B 212 6.89 16.77 6.68
N SER B 213 5.66 16.80 6.17
CA SER B 213 4.80 17.98 6.28
C SER B 213 4.58 18.35 7.73
N ASP B 214 4.22 17.36 8.54
CA ASP B 214 3.98 17.54 9.97
C ASP B 214 5.29 17.83 10.73
N ALA B 215 6.41 17.33 10.20
CA ALA B 215 7.71 17.61 10.81
C ALA B 215 8.00 19.10 10.77
N PHE B 216 7.57 19.75 9.70
CA PHE B 216 7.65 21.20 9.63
C PHE B 216 6.56 21.85 10.47
N ALA B 217 5.31 21.52 10.16
CA ALA B 217 4.16 22.18 10.79
C ALA B 217 4.17 22.12 12.31
N PHE B 218 4.69 21.02 12.87
CA PHE B 218 4.69 20.85 14.31
C PHE B 218 6.08 20.95 14.93
N ASN B 219 7.05 21.39 14.13
CA ASN B 219 8.38 21.68 14.64
C ASN B 219 9.03 20.49 15.34
N THR B 220 9.10 19.35 14.65
CA THR B 220 9.70 18.14 15.24
C THR B 220 11.05 17.82 14.62
N LEU B 221 11.38 18.49 13.52
CA LEU B 221 12.70 18.42 12.90
C LEU B 221 13.22 19.82 12.63
N ASP B 222 14.52 20.05 12.85
CA ASP B 222 15.13 21.33 12.47
C ASP B 222 15.30 21.43 10.95
N VAL B 223 15.78 22.58 10.49
CA VAL B 223 15.91 22.87 9.06
C VAL B 223 16.86 21.90 8.33
N GLU B 224 17.92 21.47 9.02
CA GLU B 224 18.84 20.49 8.47
C GLU B 224 18.10 19.18 8.23
N GLY B 225 17.31 18.77 9.23
CA GLY B 225 16.56 17.53 9.17
C GLY B 225 15.51 17.54 8.08
N LEU B 226 14.77 18.64 7.98
CA LEU B 226 13.77 18.80 6.93
C LEU B 226 14.39 18.77 5.54
N THR B 227 15.58 19.37 5.42
CA THR B 227 16.26 19.46 4.13
C THR B 227 16.75 18.08 3.72
N ARG B 228 17.29 17.34 4.68
CA ARG B 228 17.79 16.00 4.39
C ARG B 228 16.66 15.02 4.11
N ALA B 229 15.56 15.15 4.85
CA ALA B 229 14.41 14.28 4.66
C ALA B 229 13.89 14.35 3.23
N VAL B 230 14.01 15.54 2.63
CA VAL B 230 13.58 15.76 1.26
C VAL B 230 14.67 15.45 0.25
N ALA B 231 15.79 16.17 0.34
CA ALA B 231 16.86 16.07 -0.65
C ALA B 231 17.47 14.68 -0.72
N GLU B 232 17.62 14.04 0.43
CA GLU B 232 18.16 12.67 0.47
C GLU B 232 17.04 11.62 0.54
N GLY B 233 16.19 11.72 1.56
CA GLY B 233 15.13 10.73 1.77
C GLY B 233 14.16 10.51 0.62
N CYS B 234 13.97 11.51 -0.23
CA CYS B 234 13.01 11.42 -1.32
C CYS B 234 13.68 11.25 -2.69
N VAL B 235 14.99 11.03 -2.70
CA VAL B 235 15.71 10.95 -3.99
C VAL B 235 15.27 9.74 -4.82
N ASP B 236 15.06 9.98 -6.12
CA ASP B 236 14.78 8.91 -7.06
C ASP B 236 16.01 8.79 -7.95
N VAL B 237 16.92 7.89 -7.56
CA VAL B 237 18.19 7.76 -8.27
C VAL B 237 18.01 7.39 -9.74
N PHE B 238 16.97 6.63 -10.05
CA PHE B 238 16.70 6.27 -11.45
C PHE B 238 16.28 7.49 -12.27
N LYS B 239 15.44 8.33 -11.70
CA LYS B 239 14.98 9.51 -12.44
C LYS B 239 16.07 10.58 -12.56
N GLU B 240 16.96 10.64 -11.59
CA GLU B 240 18.13 11.52 -11.69
C GLU B 240 19.05 11.07 -12.83
N LYS B 241 19.16 9.76 -13.01
CA LYS B 241 19.97 9.18 -14.06
C LYS B 241 19.32 9.41 -15.43
N GLU B 242 18.02 9.17 -15.50
CA GLU B 242 17.27 9.30 -16.75
C GLU B 242 16.95 10.76 -17.07
N GLY B 243 17.26 11.66 -16.14
CA GLY B 243 17.00 13.08 -16.31
C GLY B 243 15.51 13.34 -16.46
N ILE B 244 14.74 12.75 -15.56
CA ILE B 244 13.29 12.88 -15.56
C ILE B 244 12.83 13.64 -14.32
N GLU B 245 12.10 14.73 -14.54
CA GLU B 245 11.62 15.54 -13.41
C GLU B 245 10.58 14.79 -12.59
N TYR B 246 10.69 14.90 -11.27
CA TYR B 246 9.68 14.35 -10.37
C TYR B 246 9.40 15.37 -9.28
N LEU B 247 8.20 15.32 -8.72
CA LEU B 247 7.78 16.35 -7.78
C LEU B 247 7.55 15.81 -6.38
N VAL B 248 8.31 16.32 -5.43
CA VAL B 248 8.07 16.05 -4.03
C VAL B 248 7.08 17.09 -3.54
N PHE B 249 5.89 16.66 -3.13
CA PHE B 249 4.80 17.58 -2.79
C PHE B 249 4.41 17.43 -1.33
N LEU B 250 4.48 18.54 -0.58
CA LEU B 250 4.06 18.56 0.81
C LEU B 250 2.94 19.57 0.99
N SER B 251 2.17 19.45 2.07
CA SER B 251 1.07 20.38 2.33
C SER B 251 0.82 20.52 3.83
N SER B 252 0.39 21.71 4.24
CA SER B 252 0.01 21.98 5.62
C SER B 252 -1.00 23.12 5.62
N ASP B 253 -1.63 23.34 6.78
CA ASP B 253 -2.45 24.54 6.95
C ASP B 253 -1.53 25.75 6.82
N LEU B 254 -2.05 26.83 6.23
CA LEU B 254 -1.29 28.07 6.15
C LEU B 254 -0.94 28.58 7.54
N GLU B 255 -1.83 28.33 8.49
CA GLU B 255 -1.64 28.75 9.87
C GLU B 255 -0.50 28.00 10.58
N SER B 256 0.06 26.99 9.94
CA SER B 256 1.23 26.31 10.50
C SER B 256 2.42 27.27 10.49
N LEU B 257 2.38 28.23 9.58
CA LEU B 257 3.43 29.24 9.45
C LEU B 257 3.50 30.20 10.65
N VAL B 258 2.53 30.12 11.56
CA VAL B 258 2.56 30.92 12.79
C VAL B 258 2.28 30.05 14.02
N ALA B 259 2.50 28.74 13.88
CA ALA B 259 2.29 27.81 14.99
C ALA B 259 3.29 28.03 16.12
N ASN B 260 4.43 28.62 15.77
CA ASN B 260 5.39 29.14 16.75
C ASN B 260 6.16 30.30 16.10
N PRO B 261 6.78 31.18 16.91
CA PRO B 261 7.38 32.40 16.34
C PRO B 261 8.48 32.18 15.30
N LYS B 262 9.05 30.98 15.24
CA LYS B 262 10.18 30.72 14.33
C LYS B 262 9.79 30.05 13.01
N GLN B 263 8.51 29.75 12.83
CA GLN B 263 8.04 28.98 11.67
C GLN B 263 8.33 29.65 10.33
N LEU B 264 8.19 30.98 10.28
CA LEU B 264 8.40 31.70 9.03
C LEU B 264 9.86 31.63 8.59
N ASP B 265 10.77 31.72 9.55
CA ASP B 265 12.20 31.65 9.25
C ASP B 265 12.61 30.21 8.93
N ARG B 266 12.11 29.27 9.73
CA ARG B 266 12.32 27.85 9.48
C ARG B 266 11.96 27.48 8.05
N PHE B 267 10.79 27.91 7.61
CA PHE B 267 10.33 27.60 6.25
C PHE B 267 11.21 28.23 5.18
N LEU B 268 11.68 29.45 5.44
CA LEU B 268 12.55 30.13 4.50
C LEU B 268 13.91 29.46 4.42
N GLY B 269 14.40 29.01 5.57
CA GLY B 269 15.69 28.34 5.63
C GLY B 269 15.64 26.99 4.93
N TRP B 270 14.51 26.31 5.10
CA TRP B 270 14.25 25.01 4.49
C TRP B 270 14.29 25.13 2.97
N ILE B 271 13.47 26.03 2.43
CA ILE B 271 13.43 26.26 0.98
C ILE B 271 14.80 26.66 0.46
N ASP B 272 15.53 27.45 1.24
CA ASP B 272 16.88 27.85 0.85
C ASP B 272 17.82 26.64 0.82
N GLY B 273 17.74 25.81 1.86
CA GLY B 273 18.53 24.59 1.92
C GLY B 273 18.32 23.71 0.69
N LEU B 274 17.07 23.59 0.25
CA LEU B 274 16.73 22.78 -0.91
C LEU B 274 17.27 23.36 -2.22
N LYS B 275 17.12 24.68 -2.41
CA LYS B 275 17.63 25.32 -3.61
C LYS B 275 19.14 25.10 -3.74
N LYS B 276 19.82 25.20 -2.60
CA LYS B 276 21.26 24.97 -2.53
C LYS B 276 21.64 23.53 -2.92
N ARG B 277 20.70 22.59 -2.75
CA ARG B 277 20.93 21.19 -3.16
C ARG B 277 20.70 21.02 -4.66
N GLY B 278 20.25 22.09 -5.31
CA GLY B 278 19.94 22.01 -6.73
C GLY B 278 18.50 21.60 -6.98
N ILE B 279 17.65 21.82 -5.97
CA ILE B 279 16.24 21.52 -6.09
C ILE B 279 15.43 22.76 -6.42
N GLU B 280 14.75 22.70 -7.56
CA GLU B 280 13.92 23.79 -8.04
C GLU B 280 12.55 23.75 -7.36
N ILE B 281 12.10 24.89 -6.85
CA ILE B 281 10.80 24.97 -6.19
C ILE B 281 9.74 25.37 -7.20
N ILE B 282 8.77 24.49 -7.43
CA ILE B 282 7.82 24.71 -8.52
C ILE B 282 6.45 24.08 -8.22
N ASN B 283 5.39 24.89 -8.33
CA ASN B 283 4.06 24.43 -7.91
C ASN B 283 3.49 23.29 -8.76
N VAL B 284 2.56 22.56 -8.16
CA VAL B 284 1.96 21.35 -8.74
C VAL B 284 1.37 21.58 -10.13
N ALA B 285 0.77 22.75 -10.33
CA ALA B 285 0.18 23.09 -11.62
C ALA B 285 1.26 23.41 -12.65
N GLU B 286 2.18 24.30 -12.30
CA GLU B 286 3.30 24.64 -13.18
C GLU B 286 4.20 23.42 -13.43
N PHE B 287 4.19 22.47 -12.49
CA PHE B 287 4.91 21.21 -12.67
C PHE B 287 4.27 20.39 -13.79
N ILE B 288 2.96 20.18 -13.69
CA ILE B 288 2.21 19.46 -14.73
C ILE B 288 2.31 20.18 -16.07
N ARG B 289 2.05 21.49 -16.06
CA ARG B 289 2.14 22.31 -17.27
C ARG B 289 3.50 22.14 -17.95
N LYS B 290 4.56 22.09 -17.15
CA LYS B 290 5.90 21.91 -17.70
C LYS B 290 6.15 20.49 -18.22
N LYS B 291 5.37 19.52 -17.71
CA LYS B 291 5.45 18.14 -18.18
C LYS B 291 4.77 17.99 -19.53
N VAL B 292 3.47 18.28 -19.58
CA VAL B 292 2.67 18.18 -20.80
C VAL B 292 3.25 19.00 -21.96
N SER B 293 3.90 20.11 -21.63
CA SER B 293 4.53 20.94 -22.65
C SER B 293 5.83 20.33 -23.15
N ASN B 294 6.25 19.24 -22.49
CA ASN B 294 7.50 18.55 -22.78
C ASN B 294 8.74 19.45 -22.59
N GLU B 295 8.61 20.44 -21.71
CA GLU B 295 9.76 21.21 -21.25
C GLU B 295 10.47 20.35 -20.22
N TYR B 296 9.68 19.53 -19.52
CA TYR B 296 10.21 18.52 -18.62
C TYR B 296 10.06 17.15 -19.27
N LYS B 297 11.14 16.36 -19.25
CA LYS B 297 11.08 15.01 -19.78
C LYS B 297 10.19 14.13 -18.89
N SER B 298 9.53 13.15 -19.51
CA SER B 298 8.63 12.28 -18.78
C SER B 298 8.97 10.80 -18.95
N LEU B 299 8.38 9.98 -18.08
CA LEU B 299 8.30 8.54 -18.31
C LEU B 299 7.26 8.35 -19.39
N PRO B 300 7.30 7.21 -20.11
CA PRO B 300 6.26 6.92 -21.09
C PRO B 300 4.88 6.85 -20.44
N GLY B 301 3.97 7.71 -20.86
CA GLY B 301 2.62 7.74 -20.33
C GLY B 301 2.40 8.70 -19.17
N GLU B 302 3.46 9.36 -18.72
CA GLU B 302 3.36 10.28 -17.59
C GLU B 302 2.42 11.45 -17.92
N CYS B 303 1.65 11.85 -16.92
CA CYS B 303 0.60 12.87 -17.06
C CYS B 303 -0.52 12.45 -18.01
N SER B 304 -0.63 11.15 -18.28
CA SER B 304 -1.69 10.63 -19.15
C SER B 304 -2.62 9.67 -18.40
N GLU B 305 -3.53 9.07 -19.15
CA GLU B 305 -4.58 8.23 -18.60
C GLU B 305 -4.13 6.78 -18.42
N SER B 306 -2.87 6.52 -18.71
CA SER B 306 -2.24 5.23 -18.42
C SER B 306 -1.53 5.34 -17.08
N PHE B 307 -1.29 6.58 -16.66
CA PHE B 307 -0.73 6.87 -15.34
C PHE B 307 -1.83 7.13 -14.33
N ARG B 308 -2.99 6.51 -14.56
CA ARG B 308 -4.10 6.60 -13.63
C ARG B 308 -3.85 5.76 -12.40
N ILE B 309 -4.01 6.37 -11.22
CA ILE B 309 -4.00 5.62 -9.98
C ILE B 309 -5.38 5.75 -9.33
N ASN B 310 -5.60 4.99 -8.26
CA ASN B 310 -6.87 4.99 -7.56
C ASN B 310 -6.75 5.78 -6.26
N VAL B 311 -7.89 6.15 -5.69
CA VAL B 311 -7.94 6.79 -4.38
C VAL B 311 -9.00 6.12 -3.53
N LYS B 312 -8.70 5.89 -2.26
CA LYS B 312 -9.62 5.25 -1.35
C LYS B 312 -10.78 6.18 -0.98
N ASP B 313 -12.01 5.71 -1.16
CA ASP B 313 -13.19 6.52 -0.80
C ASP B 313 -13.22 6.80 0.69
N TYR B 314 -13.52 8.05 1.04
CA TYR B 314 -13.57 8.54 2.42
C TYR B 314 -12.21 8.67 3.11
N SER B 315 -11.12 8.56 2.35
CA SER B 315 -9.79 8.77 2.92
C SER B 315 -9.56 10.29 3.08
N SER B 316 -8.58 10.67 3.88
CA SER B 316 -8.37 12.07 4.25
C SER B 316 -6.89 12.34 4.44
N TRP B 317 -6.55 13.56 4.82
CA TRP B 317 -5.15 13.90 5.09
C TRP B 317 -4.84 13.97 6.58
N SER B 318 -5.86 13.84 7.43
CA SER B 318 -5.72 14.17 8.84
C SER B 318 -6.47 13.26 9.81
N ASP B 319 -6.81 12.06 9.34
CA ASP B 319 -7.55 11.09 10.16
C ASP B 319 -6.70 10.54 11.32
N TYR B 320 -7.34 9.94 12.32
CA TYR B 320 -6.61 9.25 13.38
C TYR B 320 -5.87 8.07 12.79
N PHE B 321 -4.61 8.29 12.44
CA PHE B 321 -3.86 7.26 11.73
C PHE B 321 -3.47 6.09 12.63
N ASP B 322 -3.43 6.32 13.94
CA ASP B 322 -3.05 5.27 14.86
C ASP B 322 -4.11 4.17 14.97
N LEU B 323 -5.28 4.41 14.37
CA LEU B 323 -6.35 3.42 14.37
C LEU B 323 -6.57 2.80 12.99
N SER B 324 -5.79 3.23 12.00
CA SER B 324 -5.88 2.68 10.65
C SER B 324 -5.54 1.18 10.66
N VAL B 325 -6.30 0.40 9.91
CA VAL B 325 -6.04 -1.05 9.83
C VAL B 325 -5.59 -1.45 8.43
N ASP B 326 -5.42 -0.49 7.54
CA ASP B 326 -4.97 -0.79 6.19
C ASP B 326 -3.76 0.05 5.78
N GLY B 327 -3.24 0.83 6.73
CA GLY B 327 -2.11 1.70 6.45
C GLY B 327 -2.49 2.93 5.66
N ARG B 328 -3.80 3.12 5.48
CA ARG B 328 -4.34 4.29 4.80
C ARG B 328 -5.21 5.11 5.76
N THR B 329 -5.65 6.28 5.31
CA THR B 329 -6.53 7.11 6.14
C THR B 329 -8.00 6.86 5.83
N SER B 330 -8.86 7.36 6.71
CA SER B 330 -10.31 7.29 6.51
C SER B 330 -10.96 8.58 7.02
N ASP B 331 -12.22 8.51 7.41
CA ASP B 331 -12.93 9.69 7.89
C ASP B 331 -13.49 9.45 9.29
N ARG B 333 -12.36 10.17 12.09
CA ARG B 333 -12.23 11.33 12.98
C ARG B 333 -13.50 12.17 13.02
N TRP B 334 -14.18 12.30 11.89
CA TRP B 334 -15.35 13.17 11.79
C TRP B 334 -16.69 12.44 12.01
N THR B 335 -16.69 11.12 11.83
CA THR B 335 -17.88 10.30 12.00
C THR B 335 -17.88 9.61 13.36
N GLY B 336 -16.68 9.33 13.88
CA GLY B 336 -16.55 8.57 15.12
C GLY B 336 -16.66 7.07 14.89
N ILE B 337 -16.60 6.66 13.62
CA ILE B 337 -16.74 5.25 13.27
C ILE B 337 -15.64 4.77 12.35
N ARG B 338 -14.95 3.69 12.74
CA ARG B 338 -14.02 3.04 11.82
C ARG B 338 -14.83 2.13 10.89
N ARG B 339 -14.69 2.35 9.59
CA ARG B 339 -15.52 1.67 8.59
C ARG B 339 -15.14 0.22 8.35
N GLU B 340 -13.85 -0.07 8.47
CA GLU B 340 -13.31 -1.37 8.10
C GLU B 340 -13.92 -2.48 8.93
N ASP B 341 -14.13 -2.22 10.22
CA ASP B 341 -14.77 -3.19 11.10
C ASP B 341 -16.03 -2.61 11.75
N ASN B 342 -16.47 -1.46 11.24
CA ASN B 342 -17.75 -0.86 11.62
C ASN B 342 -17.96 -0.74 13.12
N VAL B 343 -16.96 -0.17 13.81
CA VAL B 343 -17.05 0.07 15.25
C VAL B 343 -16.93 1.55 15.60
N VAL B 344 -17.44 1.92 16.76
CA VAL B 344 -17.37 3.29 17.25
C VAL B 344 -16.15 3.47 18.13
N ILE B 345 -15.34 4.48 17.81
CA ILE B 345 -14.06 4.68 18.48
C ILE B 345 -14.17 5.63 19.65
N HIS B 346 -13.09 5.72 20.42
CA HIS B 346 -12.97 6.69 21.51
C HIS B 346 -11.62 7.38 21.37
N ARG B 347 -11.47 8.52 22.02
CA ARG B 347 -10.21 9.25 22.04
C ARG B 347 -9.95 9.76 23.44
N TRP B 348 -8.69 10.11 23.72
CA TRP B 348 -8.33 10.70 25.00
C TRP B 348 -8.65 12.18 25.00
N TYR B 349 -9.18 12.64 26.13
CA TYR B 349 -9.41 14.06 26.34
C TYR B 349 -9.23 14.34 27.82
N LYS B 350 -8.40 15.34 28.13
CA LYS B 350 -8.08 15.71 29.51
C LYS B 350 -8.02 14.53 30.48
N GLU B 351 -7.24 13.52 30.11
CA GLU B 351 -6.98 12.34 30.94
C GLU B 351 -8.08 11.27 30.96
N ARG B 352 -9.18 11.51 30.26
CA ARG B 352 -10.24 10.51 30.19
C ARG B 352 -10.50 10.07 28.75
N LYS B 353 -10.91 8.82 28.57
CA LYS B 353 -11.35 8.35 27.28
C LYS B 353 -12.76 8.89 27.04
N VAL B 354 -13.01 9.41 25.83
CA VAL B 354 -14.32 9.94 25.49
C VAL B 354 -14.84 9.27 24.21
N SER B 355 -16.06 8.76 24.26
CA SER B 355 -16.68 8.18 23.08
C SER B 355 -16.83 9.26 22.01
N GLN B 356 -16.59 8.89 20.77
CA GLN B 356 -16.73 9.81 19.65
C GLN B 356 -18.11 9.64 18.99
N LEU B 357 -19.02 9.00 19.72
CA LEU B 357 -20.38 8.72 19.23
C LEU B 357 -21.15 9.99 18.87
N TRP B 358 -20.89 11.07 19.60
CA TRP B 358 -21.60 12.35 19.38
C TRP B 358 -21.41 12.91 17.97
N LYS B 359 -20.27 12.62 17.35
CA LYS B 359 -19.98 13.12 16.01
C LYS B 359 -20.91 12.51 14.98
N PHE B 360 -21.21 11.22 15.16
CA PHE B 360 -22.11 10.53 14.26
C PHE B 360 -23.50 11.15 14.33
N ALA B 361 -24.00 11.34 15.55
CA ALA B 361 -25.29 11.96 15.77
C ALA B 361 -25.32 13.39 15.22
N PHE B 362 -24.24 14.13 15.43
CA PHE B 362 -24.13 15.50 14.94
C PHE B 362 -24.22 15.52 13.42
N LYS B 364 -25.39 13.16 11.42
CA LYS B 364 -26.67 12.63 10.97
C LYS B 364 -27.74 13.70 11.09
N LEU B 365 -27.82 14.34 12.26
CA LEU B 365 -28.77 15.42 12.51
C LEU B 365 -28.68 16.51 11.44
N PHE B 366 -27.46 16.91 11.11
CA PHE B 366 -27.26 17.97 10.13
C PHE B 366 -27.66 17.58 8.71
N ARG B 367 -27.52 16.31 8.33
CA ARG B 367 -28.07 15.85 7.06
C ARG B 367 -29.56 16.14 7.00
N GLU B 368 -30.23 15.98 8.13
CA GLU B 368 -31.67 16.16 8.23
C GLU B 368 -32.07 17.63 8.25
N LEU B 369 -31.32 18.44 8.99
CA LEU B 369 -31.53 19.89 9.01
C LEU B 369 -31.24 20.48 7.63
N ASN B 370 -30.13 20.08 7.03
CA ASN B 370 -29.78 20.53 5.68
C ASN B 370 -30.90 20.28 4.68
N ARG B 371 -31.47 19.08 4.74
CA ARG B 371 -32.56 18.73 3.83
C ARG B 371 -33.85 19.49 4.16
N ALA B 372 -34.13 19.67 5.44
CA ALA B 372 -35.30 20.44 5.86
C ALA B 372 -35.26 21.86 5.29
N VAL B 373 -34.09 22.47 5.36
CA VAL B 373 -33.86 23.80 4.79
C VAL B 373 -33.92 23.80 3.25
N ARG B 374 -33.28 22.82 2.62
CA ARG B 374 -33.27 22.76 1.16
C ARG B 374 -34.68 22.59 0.58
N PHE B 375 -35.44 21.67 1.16
CA PHE B 375 -36.82 21.43 0.73
C PHE B 375 -37.73 22.61 1.04
N GLY B 376 -37.43 23.33 2.11
CA GLY B 376 -38.15 24.55 2.44
C GLY B 376 -38.00 25.56 1.31
N VAL B 377 -36.76 25.81 0.91
CA VAL B 377 -36.44 26.75 -0.17
C VAL B 377 -37.15 26.37 -1.45
N ILE B 378 -37.07 25.08 -1.79
CA ILE B 378 -37.69 24.56 -3.00
C ILE B 378 -39.22 24.67 -2.95
N ASP B 379 -39.80 24.32 -1.81
CA ASP B 379 -41.26 24.39 -1.64
C ASP B 379 -41.79 25.82 -1.74
N LEU B 381 -40.18 28.52 -3.11
CA LEU B 381 -39.94 29.03 -4.47
C LEU B 381 -40.95 28.45 -5.46
N ARG B 382 -41.45 27.25 -5.17
CA ARG B 382 -42.49 26.65 -6.00
C ARG B 382 -43.76 27.49 -5.98
N THR B 383 -44.14 27.95 -4.79
CA THR B 383 -45.31 28.82 -4.64
C THR B 383 -45.17 30.09 -5.49
N GLN B 384 -43.93 30.54 -5.68
CA GLN B 384 -43.64 31.72 -6.49
C GLN B 384 -43.60 31.41 -8.00
N GLY B 385 -44.00 30.20 -8.37
CA GLY B 385 -44.05 29.81 -9.76
C GLY B 385 -42.71 29.37 -10.34
N VAL B 386 -41.84 28.85 -9.48
CA VAL B 386 -40.56 28.31 -9.93
C VAL B 386 -40.52 26.80 -9.74
N SER B 387 -40.61 26.07 -10.85
CA SER B 387 -40.75 24.61 -10.83
C SER B 387 -39.45 23.88 -11.20
N ASP B 388 -38.60 24.55 -11.98
CA ASP B 388 -37.36 23.94 -12.44
C ASP B 388 -36.28 23.93 -11.36
N ILE B 389 -35.97 22.74 -10.84
CA ILE B 389 -34.96 22.59 -9.80
C ILE B 389 -33.58 23.07 -10.26
N GLU B 390 -33.33 23.04 -11.57
CA GLU B 390 -32.05 23.49 -12.11
C GLU B 390 -31.91 25.00 -12.08
N LYS B 391 -33.04 25.69 -12.23
CA LYS B 391 -33.08 27.15 -12.15
C LYS B 391 -32.88 27.59 -10.71
N ILE B 392 -33.46 26.85 -9.78
CA ILE B 392 -33.24 27.07 -8.35
C ILE B 392 -31.77 26.86 -7.99
N LYS B 393 -31.15 25.85 -8.58
CA LYS B 393 -29.71 25.59 -8.37
C LYS B 393 -28.86 26.76 -8.82
N GLU B 394 -29.08 27.20 -10.05
CA GLU B 394 -28.36 28.33 -10.62
C GLU B 394 -28.51 29.57 -9.75
N PHE B 395 -29.72 29.76 -9.23
CA PHE B 395 -30.00 30.89 -8.34
C PHE B 395 -29.17 30.80 -7.07
N LEU B 396 -29.25 29.66 -6.39
CA LEU B 396 -28.50 29.43 -5.15
C LEU B 396 -27.00 29.61 -5.38
N VAL B 397 -26.53 29.27 -6.58
CA VAL B 397 -25.15 29.50 -6.96
C VAL B 397 -24.87 30.99 -7.19
N ARG B 398 -25.72 31.65 -7.96
CA ARG B 398 -25.54 33.08 -8.24
C ARG B 398 -25.65 33.93 -6.98
N TYR B 399 -26.35 33.42 -5.97
CA TYR B 399 -26.51 34.16 -4.70
C TYR B 399 -25.18 34.40 -3.99
N SER B 400 -24.11 33.74 -4.43
CA SER B 400 -22.78 34.02 -3.90
C SER B 400 -22.39 35.46 -4.16
N ARG B 401 -22.87 35.98 -5.28
CA ARG B 401 -22.67 37.38 -5.67
C ARG B 401 -23.26 38.34 -4.62
N VAL B 402 -24.28 37.88 -3.90
CA VAL B 402 -24.81 38.63 -2.77
C VAL B 402 -23.97 38.36 -1.52
N PHE B 403 -23.83 37.08 -1.16
CA PHE B 403 -23.19 36.71 0.10
C PHE B 403 -21.76 37.22 0.24
N PHE B 404 -20.99 37.18 -0.85
CA PHE B 404 -19.61 37.65 -0.83
C PHE B 404 -19.47 38.92 -1.67
N ARG B 405 -20.46 39.81 -1.59
CA ARG B 405 -20.58 40.93 -2.54
C ARG B 405 -19.29 41.70 -2.85
N GLU B 406 -18.64 42.21 -1.81
CA GLU B 406 -17.49 43.10 -1.99
C GLU B 406 -16.31 42.42 -2.67
N HIS B 407 -16.11 41.14 -2.35
CA HIS B 407 -15.09 40.35 -3.03
C HIS B 407 -15.28 40.44 -4.54
N TYR B 408 -16.50 40.17 -4.99
CA TYR B 408 -16.83 40.26 -6.41
C TYR B 408 -16.73 41.69 -6.95
N GLU B 409 -17.15 42.66 -6.13
CA GLU B 409 -17.07 44.07 -6.52
C GLU B 409 -15.64 44.50 -6.75
N TYR B 410 -14.73 43.99 -5.90
CA TYR B 410 -13.30 44.29 -6.00
C TYR B 410 -12.75 43.95 -7.38
N PHE B 411 -13.38 43.00 -8.07
CA PHE B 411 -12.91 42.56 -9.38
C PHE B 411 -13.90 42.89 -10.49
N GLU B 412 -14.81 43.81 -10.21
CA GLU B 412 -15.80 44.27 -11.20
C GLU B 412 -16.60 43.11 -11.78
N LEU B 413 -16.86 42.11 -10.95
CA LEU B 413 -17.76 41.03 -11.32
C LEU B 413 -19.17 41.42 -10.92
N ASP B 414 -20.15 41.05 -11.76
CA ASP B 414 -21.54 41.43 -11.56
C ASP B 414 -22.09 41.01 -10.19
N THR B 415 -22.58 41.99 -9.44
CA THR B 415 -23.26 41.72 -8.16
C THR B 415 -24.73 42.15 -8.19
N SER B 416 -25.24 42.46 -9.38
CA SER B 416 -26.58 43.02 -9.52
C SER B 416 -27.68 42.03 -9.17
N VAL B 417 -28.69 42.52 -8.46
CA VAL B 417 -29.90 41.75 -8.15
C VAL B 417 -30.50 41.14 -9.43
N ASP B 418 -30.42 41.89 -10.53
CA ASP B 418 -30.90 41.40 -11.82
C ASP B 418 -30.15 40.16 -12.30
N TYR B 419 -28.87 40.07 -11.97
CA TYR B 419 -28.07 38.90 -12.30
C TYR B 419 -28.52 37.69 -11.47
N VAL B 420 -28.54 37.87 -10.15
CA VAL B 420 -28.88 36.82 -9.20
C VAL B 420 -30.26 36.22 -9.44
N GLU B 422 -32.11 36.24 -12.39
CA GLU B 422 -32.44 35.81 -13.75
C GLU B 422 -33.02 34.40 -13.90
N PRO B 423 -32.39 33.37 -13.30
CA PRO B 423 -32.96 32.04 -13.52
C PRO B 423 -34.34 31.87 -12.88
N ILE B 424 -34.64 32.68 -11.86
CA ILE B 424 -35.93 32.64 -11.20
C ILE B 424 -36.64 34.01 -11.22
N HIS B 425 -36.63 34.64 -12.39
CA HIS B 425 -37.20 35.97 -12.60
C HIS B 425 -38.70 36.12 -12.30
N GLU B 426 -39.40 34.99 -12.15
CA GLU B 426 -40.85 35.03 -11.91
C GLU B 426 -41.18 35.20 -10.43
N ALA B 427 -40.15 35.23 -9.59
CA ALA B 427 -40.37 35.26 -8.14
C ALA B 427 -40.15 36.64 -7.54
N ASP B 428 -40.80 36.90 -6.42
CA ASP B 428 -40.58 38.10 -5.64
C ASP B 428 -39.19 38.07 -5.04
N PRO B 429 -38.29 38.95 -5.54
CA PRO B 429 -36.90 39.01 -5.08
C PRO B 429 -36.80 39.17 -3.57
N SER B 430 -37.80 39.77 -2.94
CA SER B 430 -37.83 39.90 -1.50
C SER B 430 -37.95 38.55 -0.78
N LEU B 431 -38.77 37.66 -1.32
CA LEU B 431 -38.90 36.31 -0.74
C LEU B 431 -37.73 35.42 -1.17
N ALA B 432 -37.43 35.47 -2.47
CA ALA B 432 -36.34 34.67 -3.03
C ALA B 432 -35.00 34.92 -2.33
N LEU B 433 -34.65 36.19 -2.16
CA LEU B 433 -33.37 36.55 -1.55
C LEU B 433 -33.28 36.22 -0.05
N LYS B 434 -34.43 36.14 0.63
CA LYS B 434 -34.42 35.71 2.03
C LYS B 434 -34.14 34.20 2.08
N LEU B 435 -34.68 33.47 1.11
CA LEU B 435 -34.46 32.03 1.00
C LEU B 435 -33.00 31.73 0.66
N GLY B 436 -32.43 32.52 -0.25
CA GLY B 436 -31.02 32.42 -0.58
C GLY B 436 -30.17 32.60 0.67
N ARG B 437 -30.57 33.57 1.49
CA ARG B 437 -29.90 33.84 2.76
C ARG B 437 -30.02 32.67 3.72
N ILE B 438 -31.23 32.12 3.84
CA ILE B 438 -31.49 31.01 4.74
C ILE B 438 -30.69 29.78 4.28
N TYR B 439 -30.57 29.62 2.97
CA TYR B 439 -29.81 28.49 2.42
C TYR B 439 -28.32 28.64 2.74
N TYR B 440 -27.78 29.83 2.54
CA TYR B 440 -26.36 30.06 2.81
C TYR B 440 -26.00 30.01 4.30
N LEU B 441 -26.97 30.32 5.16
CA LEU B 441 -26.74 30.16 6.60
C LEU B 441 -26.61 28.67 6.94
N LEU B 443 -25.61 26.36 4.94
CA LEU B 443 -24.30 25.99 4.40
C LEU B 443 -23.17 26.38 5.34
N LEU B 444 -23.24 27.61 5.83
CA LEU B 444 -22.23 28.14 6.76
C LEU B 444 -22.18 27.30 8.02
N ALA B 445 -23.31 26.74 8.41
CA ALA B 445 -23.42 25.94 9.63
C ALA B 445 -22.87 24.53 9.47
N ASN B 446 -22.31 24.21 8.30
CA ASN B 446 -21.80 22.85 8.07
C ASN B 446 -20.28 22.76 8.07
N HIS B 447 -19.63 23.69 8.77
CA HIS B 447 -18.20 23.62 9.05
C HIS B 447 -17.82 22.22 9.56
N SER B 448 -16.73 21.67 9.04
CA SER B 448 -16.24 20.38 9.51
C SER B 448 -15.61 20.48 10.89
N CYS B 449 -15.15 21.69 11.21
CA CYS B 449 -14.36 21.99 12.41
C CYS B 449 -14.78 21.33 13.75
N PRO B 450 -16.08 21.37 14.11
CA PRO B 450 -16.48 20.78 15.38
C PRO B 450 -16.13 19.29 15.54
N ARG B 451 -16.22 18.53 14.45
CA ARG B 451 -16.01 17.10 14.51
C ARG B 451 -14.54 16.71 14.32
N PHE B 452 -13.67 17.71 14.17
CA PHE B 452 -12.25 17.45 14.09
C PHE B 452 -11.68 17.16 15.47
N TRP B 453 -12.29 17.75 16.50
CA TRP B 453 -11.76 17.68 17.87
C TRP B 453 -12.35 16.54 18.68
N GLU B 454 -11.72 16.22 19.80
CA GLU B 454 -12.10 15.06 20.59
C GLU B 454 -13.38 15.30 21.38
N ASN B 455 -13.51 16.49 21.96
CA ASN B 455 -14.72 16.82 22.71
C ASN B 455 -15.62 17.78 21.95
N ILE B 456 -16.92 17.66 22.21
CA ILE B 456 -17.95 18.41 21.48
C ILE B 456 -18.03 19.88 21.89
N ASP B 457 -17.71 20.16 23.14
CA ASP B 457 -17.88 21.51 23.69
C ASP B 457 -16.77 22.47 23.23
N THR B 458 -16.97 23.09 22.06
CA THR B 458 -16.02 24.05 21.51
C THR B 458 -16.74 25.26 20.92
N ARG B 459 -15.98 26.32 20.63
CA ARG B 459 -16.55 27.54 20.07
C ARG B 459 -17.09 27.31 18.65
N VAL B 460 -16.49 26.37 17.93
CA VAL B 460 -16.92 26.06 16.56
C VAL B 460 -18.21 25.26 16.52
N THR B 461 -18.39 24.35 17.48
CA THR B 461 -19.65 23.61 17.59
C THR B 461 -20.79 24.58 17.92
N PHE B 462 -20.53 25.51 18.84
CA PHE B 462 -21.50 26.54 19.21
C PHE B 462 -21.90 27.35 17.97
N GLY B 463 -20.90 27.77 17.20
CA GLY B 463 -21.14 28.56 16.01
C GLY B 463 -21.98 27.88 14.94
N ASN B 464 -21.71 26.60 14.71
CA ASN B 464 -22.51 25.80 13.78
C ASN B 464 -23.97 25.76 14.20
N VAL B 465 -24.20 25.45 15.48
CA VAL B 465 -25.56 25.33 16.00
C VAL B 465 -26.31 26.66 16.01
N ALA B 466 -25.61 27.72 16.37
CA ALA B 466 -26.19 29.06 16.37
C ALA B 466 -26.58 29.52 14.97
N THR B 467 -25.72 29.20 13.99
CA THR B 467 -25.95 29.59 12.61
C THR B 467 -27.14 28.85 11.99
N ILE B 468 -27.23 27.54 12.22
CA ILE B 468 -28.36 26.77 11.68
C ILE B 468 -29.65 27.12 12.44
N SER B 469 -29.53 27.45 13.72
CA SER B 469 -30.68 27.88 14.51
C SER B 469 -31.28 29.15 13.91
N LYS B 470 -30.41 30.04 13.46
CA LYS B 470 -30.84 31.27 12.80
C LYS B 470 -31.63 30.94 11.54
N ALA B 471 -31.06 30.07 10.71
CA ALA B 471 -31.69 29.67 9.45
C ALA B 471 -33.05 29.02 9.66
N LEU B 472 -33.15 28.11 10.63
CA LEU B 472 -34.37 27.38 10.89
C LEU B 472 -35.50 28.29 11.37
N ILE B 473 -35.19 29.12 12.36
CA ILE B 473 -36.18 30.03 12.93
C ILE B 473 -36.71 30.99 11.87
N GLU B 474 -35.83 31.50 11.00
CA GLU B 474 -36.26 32.39 9.94
C GLU B 474 -37.13 31.69 8.91
N LEU B 475 -36.78 30.44 8.59
CA LEU B 475 -37.59 29.66 7.67
C LEU B 475 -38.94 29.39 8.32
N GLU B 477 -40.44 31.19 10.52
CA GLU B 477 -41.19 32.43 10.56
C GLU B 477 -41.76 32.83 9.21
N LEU B 478 -41.09 32.45 8.12
CA LEU B 478 -41.62 32.64 6.77
C LEU B 478 -42.89 31.80 6.56
N TYR B 479 -42.88 30.57 7.08
CA TYR B 479 -44.02 29.68 6.98
C TYR B 479 -45.18 30.17 7.86
N GLU B 481 -45.71 33.45 8.81
CA GLU B 481 -46.22 34.69 8.22
C GLU B 481 -46.98 34.41 6.93
N GLU B 482 -46.95 33.16 6.47
CA GLU B 482 -47.72 32.73 5.31
C GLU B 482 -48.88 31.85 5.77
N ASN B 483 -48.94 31.60 7.08
CA ASN B 483 -49.99 30.80 7.71
C ASN B 483 -49.97 29.33 7.28
N GLU B 484 -48.78 28.75 7.27
CA GLU B 484 -48.60 27.37 6.85
C GLU B 484 -48.42 26.43 8.04
N GLU B 485 -48.84 25.18 7.86
CA GLU B 485 -48.66 24.13 8.85
C GLU B 485 -47.19 23.69 8.88
N ARG B 486 -46.48 23.95 7.78
CA ARG B 486 -45.07 23.57 7.65
C ARG B 486 -44.17 24.29 8.64
N ALA B 487 -44.67 25.35 9.25
CA ALA B 487 -43.94 26.05 10.29
C ALA B 487 -43.52 25.08 11.41
N ASN B 488 -44.39 24.14 11.72
CA ASN B 488 -44.13 23.13 12.75
C ASN B 488 -43.13 22.06 12.32
N TYR B 489 -43.08 21.80 11.02
CA TYR B 489 -42.14 20.83 10.47
C TYR B 489 -40.74 21.33 10.75
N ILE B 490 -40.60 22.66 10.64
CA ILE B 490 -39.33 23.33 10.86
C ILE B 490 -39.05 23.47 12.36
N PHE B 491 -40.09 23.75 13.14
CA PHE B 491 -39.93 23.83 14.58
C PHE B 491 -39.53 22.47 15.16
N LEU B 492 -39.99 21.40 14.52
CA LEU B 492 -39.60 20.05 14.92
C LEU B 492 -38.08 19.86 14.77
N GLU B 493 -37.54 20.36 13.66
CA GLU B 493 -36.10 20.30 13.41
C GLU B 493 -35.33 21.08 14.47
N TYR B 494 -35.78 22.31 14.74
CA TYR B 494 -35.16 23.15 15.76
C TYR B 494 -35.16 22.45 17.11
N LYS B 496 -34.97 19.33 17.65
CA LYS B 496 -33.98 18.26 17.66
C LYS B 496 -32.62 18.78 18.12
N LEU B 497 -32.40 20.08 17.97
CA LEU B 497 -31.19 20.74 18.49
C LEU B 497 -31.28 20.92 20.00
N LEU B 498 -32.37 21.52 20.47
CA LEU B 498 -32.63 21.71 21.89
C LEU B 498 -32.53 20.39 22.67
N ALA B 499 -33.17 19.36 22.13
CA ALA B 499 -33.21 18.05 22.78
C ALA B 499 -32.18 17.11 22.18
N PHE B 500 -31.04 17.67 21.75
CA PHE B 500 -29.95 16.90 21.16
C PHE B 500 -29.60 15.58 21.88
N PRO B 501 -29.53 15.58 23.23
CA PRO B 501 -29.18 14.32 23.89
C PRO B 501 -30.20 13.20 23.69
N GLN B 502 -31.43 13.53 23.29
CA GLN B 502 -32.45 12.50 23.07
C GLN B 502 -32.15 11.66 21.84
N LEU B 503 -31.34 12.20 20.95
CA LEU B 503 -31.02 11.54 19.69
C LEU B 503 -30.30 10.20 19.86
N TYR B 504 -29.66 9.98 21.00
CA TYR B 504 -29.06 8.66 21.28
C TYR B 504 -30.12 7.58 21.20
N TYR B 505 -31.31 7.88 21.72
CA TYR B 505 -32.41 6.93 21.70
C TYR B 505 -33.09 6.92 20.33
N ASP B 506 -33.40 8.11 19.81
CA ASP B 506 -34.10 8.23 18.53
C ASP B 506 -33.29 7.69 17.34
N TYR B 507 -31.97 7.70 17.47
CA TYR B 507 -31.11 7.23 16.38
C TYR B 507 -30.68 5.77 16.52
N ASP B 508 -31.22 5.08 17.52
CA ASP B 508 -30.87 3.67 17.77
C ASP B 508 -29.37 3.47 17.87
N LEU B 509 -28.69 4.37 18.59
CA LEU B 509 -27.23 4.33 18.65
C LEU B 509 -26.71 3.13 19.44
N PHE B 510 -27.56 2.58 20.30
CA PHE B 510 -27.27 1.39 21.11
C PHE B 510 -26.99 0.13 20.28
N ARG B 511 -27.50 0.11 19.04
CA ARG B 511 -27.29 -1.03 18.16
C ARG B 511 -25.86 -1.09 17.65
N LYS B 513 -21.71 -0.88 17.73
CA LYS B 513 -20.74 -1.58 18.55
C LYS B 513 -19.51 -0.72 18.77
N GLY B 514 -19.07 -0.64 20.01
CA GLY B 514 -17.87 0.12 20.33
C GLY B 514 -16.62 -0.64 19.97
N LEU B 515 -15.52 0.08 19.77
CA LEU B 515 -14.23 -0.53 19.45
C LEU B 515 -13.81 -1.43 20.60
N GLU B 516 -13.88 -0.89 21.80
CA GLU B 516 -13.52 -1.62 23.01
C GLU B 516 -14.73 -2.35 23.55
N GLY B 517 -15.92 -1.79 23.30
CA GLY B 517 -17.16 -2.42 23.69
C GLY B 517 -18.08 -1.53 24.52
N TRP B 518 -17.56 -0.39 24.97
CA TRP B 518 -18.29 0.50 25.87
C TRP B 518 -18.65 1.85 25.23
N GLU B 519 -18.20 2.07 23.99
CA GLU B 519 -18.31 3.40 23.38
C GLU B 519 -19.73 3.74 22.88
N THR B 520 -20.58 2.72 22.71
CA THR B 520 -21.96 2.95 22.31
C THR B 520 -22.92 2.65 23.45
N THR B 521 -22.45 2.84 24.67
CA THR B 521 -23.30 2.66 25.85
C THR B 521 -23.95 3.99 26.22
N GLU B 522 -25.02 3.91 27.02
CA GLU B 522 -25.74 5.09 27.48
C GLU B 522 -24.83 6.09 28.17
N LYS B 523 -24.09 5.62 29.17
CA LYS B 523 -23.24 6.49 29.95
C LYS B 523 -22.11 7.08 29.13
N ALA B 524 -21.57 6.29 28.20
CA ALA B 524 -20.55 6.79 27.28
C ALA B 524 -21.08 8.02 26.53
N TRP B 525 -22.32 7.93 26.06
CA TRP B 525 -22.95 9.03 25.34
C TRP B 525 -23.15 10.26 26.22
N PHE B 526 -23.73 10.08 27.40
CA PHE B 526 -24.07 11.20 28.27
C PHE B 526 -22.85 11.90 28.88
N GLU B 527 -21.81 11.14 29.19
CA GLU B 527 -20.55 11.72 29.63
C GLU B 527 -20.00 12.67 28.58
N SER B 528 -20.00 12.20 27.33
CA SER B 528 -19.41 12.95 26.23
C SER B 528 -20.07 14.30 26.00
N LEU B 529 -21.28 14.48 26.55
CA LEU B 529 -22.05 15.70 26.33
C LEU B 529 -21.98 16.72 27.47
N ARG B 530 -21.35 16.34 28.59
CA ARG B 530 -21.25 17.22 29.75
C ARG B 530 -20.68 18.58 29.37
N SER B 531 -21.24 19.62 29.99
CA SER B 531 -20.71 20.96 29.77
C SER B 531 -19.26 21.07 30.23
N GLU B 532 -18.51 21.90 29.52
CA GLU B 532 -17.09 22.07 29.78
C GLU B 532 -16.85 23.47 30.32
N VAL B 533 -17.94 24.17 30.60
CA VAL B 533 -17.87 25.51 31.16
C VAL B 533 -18.44 25.55 32.57
N PRO B 534 -17.95 26.49 33.39
CA PRO B 534 -18.45 26.72 34.74
C PRO B 534 -19.90 27.20 34.76
N ASN B 535 -20.24 28.13 33.87
CA ASN B 535 -21.51 28.85 33.94
C ASN B 535 -22.65 28.31 33.07
N SER B 536 -22.64 27.00 32.81
CA SER B 536 -23.73 26.36 32.06
C SER B 536 -23.73 24.86 32.32
N LYS B 537 -24.89 24.32 32.66
CA LYS B 537 -25.02 22.87 32.86
C LYS B 537 -25.49 22.21 31.56
N TYR B 538 -25.87 23.03 30.59
CA TYR B 538 -26.37 22.52 29.32
C TYR B 538 -25.24 22.13 28.37
N ASN B 539 -25.47 21.07 27.62
CA ASN B 539 -24.55 20.69 26.55
C ASN B 539 -24.47 21.85 25.55
N VAL B 540 -23.38 21.90 24.81
CA VAL B 540 -23.10 23.02 23.91
C VAL B 540 -24.16 23.22 22.81
N VAL B 541 -24.78 22.13 22.38
CA VAL B 541 -25.77 22.18 21.31
C VAL B 541 -27.04 22.90 21.79
N THR B 542 -27.59 22.40 22.89
CA THR B 542 -28.74 23.01 23.55
C THR B 542 -28.46 24.47 23.90
N ARG B 543 -27.23 24.72 24.36
CA ARG B 543 -26.78 26.05 24.73
C ARG B 543 -26.96 27.05 23.59
N ALA B 544 -26.36 26.74 22.45
CA ALA B 544 -26.37 27.65 21.30
C ALA B 544 -27.76 27.85 20.71
N ALA B 545 -28.57 26.80 20.70
CA ALA B 545 -29.93 26.89 20.19
C ALA B 545 -30.81 27.75 21.09
N LEU B 546 -30.62 27.62 22.40
CA LEU B 546 -31.31 28.47 23.37
C LEU B 546 -30.85 29.91 23.25
N TYR B 547 -29.53 30.08 23.12
CA TYR B 547 -28.91 31.40 22.98
C TYR B 547 -29.50 32.18 21.82
N VAL B 548 -29.77 31.50 20.71
CA VAL B 548 -30.32 32.14 19.52
C VAL B 548 -31.84 32.19 19.60
N GLY B 549 -32.43 31.13 20.12
CA GLY B 549 -33.87 31.05 20.25
C GLY B 549 -34.42 32.15 21.14
N LYS B 550 -33.76 32.40 22.26
CA LYS B 550 -34.21 33.40 23.22
C LYS B 550 -34.30 34.81 22.64
N ARG B 551 -33.69 35.02 21.47
CA ARG B 551 -33.64 36.34 20.86
C ARG B 551 -34.43 36.42 19.56
N ASP B 552 -34.78 35.27 19.00
CA ASP B 552 -35.39 35.22 17.68
C ASP B 552 -36.71 34.47 17.66
N LEU B 553 -36.91 33.58 18.64
CA LEU B 553 -38.13 32.78 18.70
C LEU B 553 -39.35 33.60 19.09
N PRO B 554 -40.46 33.42 18.35
CA PRO B 554 -41.79 33.90 18.71
C PRO B 554 -42.09 33.68 20.20
N PRO B 555 -42.59 34.71 20.89
CA PRO B 555 -42.78 34.77 22.35
C PRO B 555 -43.49 33.56 22.97
N ASP B 556 -44.40 32.92 22.25
CA ASP B 556 -45.17 31.81 22.80
C ASP B 556 -44.33 30.53 22.95
N ARG B 558 -41.01 30.73 22.56
CA ARG B 558 -39.95 31.34 23.37
C ARG B 558 -40.21 31.13 24.87
N SER B 559 -41.49 30.97 25.21
CA SER B 559 -41.92 30.71 26.58
C SER B 559 -41.62 29.29 27.08
N VAL B 560 -41.94 28.27 26.27
CA VAL B 560 -41.68 26.89 26.69
C VAL B 560 -40.17 26.60 26.87
N ILE B 561 -39.34 27.17 26.00
CA ILE B 561 -37.90 27.08 26.17
C ILE B 561 -37.51 27.68 27.53
N ASP B 562 -38.28 28.64 28.01
CA ASP B 562 -38.07 29.19 29.34
C ASP B 562 -38.65 28.27 30.43
N THR B 563 -39.75 27.60 30.11
CA THR B 563 -40.40 26.73 31.09
C THR B 563 -39.63 25.42 31.30
N LEU B 564 -38.90 25.00 30.28
CA LEU B 564 -38.15 23.75 30.38
C LEU B 564 -36.65 23.99 30.49
N TYR B 565 -36.18 25.16 30.08
CA TYR B 565 -34.77 25.49 30.17
C TYR B 565 -34.47 26.75 30.99
N ASP B 566 -33.56 26.61 31.95
CA ASP B 566 -33.03 27.76 32.68
C ASP B 566 -32.19 28.58 31.71
N LEU B 567 -32.77 29.68 31.23
CA LEU B 567 -32.16 30.49 30.18
C LEU B 567 -30.87 31.21 30.58
N GLU B 568 -30.65 31.36 31.87
CA GLU B 568 -29.48 32.10 32.33
C GLU B 568 -28.19 31.39 31.96
N GLU B 569 -28.29 30.09 31.67
CA GLU B 569 -27.17 29.31 31.20
C GLU B 569 -27.23 29.13 29.68
N ALA B 570 -27.69 30.17 28.99
CA ALA B 570 -27.65 30.23 27.54
C ALA B 570 -26.70 31.34 27.12
N VAL B 571 -25.40 31.02 27.16
CA VAL B 571 -24.34 31.98 26.87
C VAL B 571 -23.34 31.31 25.91
N PRO B 572 -22.48 32.13 25.25
CA PRO B 572 -21.59 31.51 24.26
C PRO B 572 -20.34 30.84 24.84
N ASP B 573 -20.25 30.73 26.16
CA ASP B 573 -19.09 30.09 26.78
C ASP B 573 -19.00 28.63 26.35
N THR B 574 -17.84 28.25 25.80
CA THR B 574 -17.58 26.87 25.41
C THR B 574 -16.27 26.40 26.01
N GLY B 575 -15.97 25.11 25.85
CA GLY B 575 -14.66 24.61 26.18
C GLY B 575 -13.66 25.12 25.17
N HIS B 576 -12.39 24.74 25.35
CA HIS B 576 -11.36 25.20 24.44
C HIS B 576 -11.04 24.18 23.35
N ILE B 577 -10.68 24.68 22.18
CA ILE B 577 -10.16 23.86 21.10
C ILE B 577 -8.69 23.55 21.40
N PRO B 578 -8.35 22.25 21.56
CA PRO B 578 -6.99 21.83 21.92
C PRO B 578 -5.91 22.37 20.98
N GLY B 579 -6.21 22.48 19.70
CA GLY B 579 -5.23 22.95 18.72
C GLY B 579 -4.90 24.43 18.84
N GLU B 580 -5.72 25.16 19.58
CA GLU B 580 -5.55 26.59 19.74
C GLU B 580 -4.88 26.94 21.08
N HIS B 582 -1.81 26.89 21.87
CA HIS B 582 -0.54 27.58 21.72
C HIS B 582 -0.74 29.09 21.73
N GLY B 583 -2.00 29.52 21.60
CA GLY B 583 -2.32 30.94 21.67
C GLY B 583 -2.19 31.50 23.07
N LYS B 584 -2.10 32.83 23.17
CA LYS B 584 -2.04 33.50 24.46
C LYS B 584 -3.43 34.05 24.81
N TRP B 585 -4.21 33.23 25.52
CA TRP B 585 -5.58 33.58 25.86
C TRP B 585 -5.64 34.35 27.18
N GLU B 586 -6.54 35.32 27.25
CA GLU B 586 -6.81 36.00 28.50
C GLU B 586 -7.36 34.97 29.48
N ASN B 587 -8.22 34.10 28.96
CA ASN B 587 -8.80 33.00 29.71
C ASN B 587 -8.41 31.67 29.06
N LYS B 588 -7.55 30.90 29.73
CA LYS B 588 -7.10 29.62 29.21
C LYS B 588 -7.94 28.45 29.73
N GLU B 589 -8.76 28.71 30.74
CA GLU B 589 -9.53 27.63 31.36
C GLU B 589 -10.76 27.21 30.55
N TRP B 590 -11.27 28.13 29.74
CA TRP B 590 -12.33 27.84 28.77
C TRP B 590 -12.39 28.96 27.75
N CYS B 591 -13.00 28.68 26.60
CA CYS B 591 -13.18 29.73 25.60
C CYS B 591 -14.26 30.70 26.08
N GLU B 592 -13.83 31.90 26.47
CA GLU B 592 -14.72 32.85 27.09
C GLU B 592 -15.51 33.68 26.08
N HIS B 593 -16.58 34.29 26.55
CA HIS B 593 -17.15 35.46 25.88
C HIS B 593 -17.33 36.55 26.93
N LYS B 594 -16.98 37.79 26.58
CA LYS B 594 -17.02 38.89 27.53
C LYS B 594 -18.17 39.87 27.28
N GLY B 595 -18.50 40.66 28.30
CA GLY B 595 -19.50 41.69 28.18
C GLY B 595 -19.10 42.78 27.21
#